data_7D10
#
_entry.id   7D10
#
loop_
_entity.id
_entity.type
_entity.pdbx_description
1 polymer 'Solute carrier family 12 member 2'
2 non-polymer 'PALMITIC ACID'
#
_entity_poly.entity_id   1
_entity_poly.type   'polypeptide(L)'
_entity_poly.pdbx_seq_one_letter_code
;MEPRPTAPSSGAPGLAGVGETPSAAALAAARVELPGTAVPSVPEDAAPASRDGGGVRDEGPAAAGDGLGRPLGPTPSQSR
FQVDLVSENAGRAAAAAAAAAAAAAAAGAGAGAKQTPADGEASGESEPAKGSEEAKGRFRVNFVDPAASSSAEDSLSDAA
GVGVDGPNVSFQNGGDTVLSEGSSLHSGGGGGSGHHQHYYYDTHTNTYYLRTFGHNTMDAVPRIDHYRHTAAQLGEKLLR
PSLAELHDELEKEPFEDGFANGEESTPTRDAVVTYTAESKGVVKFGWIKGVLVRCMLNIWGVMLFIRLSWIVGQAGIGLS
VLVIMMATVVTTITGLSTSAIATNGFVRGGGAYYLISRSLGPEFGGAIGLIFAFANAVAVAMYVVGFAETVVELLKEHSI
LMIDEINDIRIIGAITVVILLGISVAGMEWEAKAQIVLLVILLLAIGDFVIGTFIPLESKKPKGFFGYKSEIFNENFGPD
FREEETFFSVFAIFFPAATGILAGANISGDLADPQSAIPKGTLLAILITTLVYVGIAVSVGSCVVRDATGNVNDTIVTEL
TNCTSAACKLNFDFSSCESSPCSYGLMNNFQVMSMVSGFTPLISAGIFSATLSSALASLVSAPKIFQALCKDNIYPAFQM
FAKGYGKNNEPLRGYILTFLIALGFILIAELNVIAPIISNFFLASYALINFSVFHASLAKSPGWRPAFKYYNMWISLLGA
ILCCIVMFVINWWAALLTYVIVLGLYIYVTYKKPDVNWGSSTQALTYLNALQHSIRLSGVEDHVKNFRPQCLVMTGAPNS
RPALLHLVHDFTKNVGLMICGHVHMGPRRQAMKEMSIDQAKYQRWLIKNKMKAFYAPVHADDLREGAQYLMQAAGLGRMK
PNTLVLGFKKDWLQADMRDVDMYINLFHDAFDIQYGVVVIRLKEGLDISHLQGQEELLSSQEKSPGTKDVVVSVEYSKKS
DLDTSKPLSEKPITHKVEEEDGKTATQPLLKKESKGPIVPLNVADQKLLEASTQFQKKQGKNTIDVWWLFDDGGLTLLIP
YLLTTKKKWKDCKIRVFIGGKINRIDHDRRAMATLLSKFRIDFSDIMVLGDINTKPKKENIIAFEEIIEPYRLHEDDKEQ
DIADKMKEDEPWRITDNELELYKTKTYRQIRLNELLKEHSSTANIIVMSLPVARKGAVSSALYMAWLEALSKDLPPILLV
RGNHQSVLTFYS
;
_entity_poly.pdbx_strand_id   A,B
#
loop_
_chem_comp.id
_chem_comp.type
_chem_comp.name
_chem_comp.formula
PLM non-polymer 'PALMITIC ACID' 'C16 H32 O2'
#
# COMPACT_ATOMS: atom_id res chain seq x y z
N TRP A 287 16.73 -29.48 -25.79
CA TRP A 287 18.04 -29.79 -25.23
C TRP A 287 18.38 -28.83 -24.09
N ILE A 288 18.99 -29.35 -23.03
CA ILE A 288 19.23 -28.54 -21.84
C ILE A 288 20.32 -27.51 -22.06
N LYS A 289 21.30 -27.79 -22.92
CA LYS A 289 22.46 -26.92 -23.08
C LYS A 289 22.18 -25.67 -23.91
N GLY A 290 20.95 -25.46 -24.35
CA GLY A 290 20.61 -24.27 -25.09
C GLY A 290 19.50 -23.52 -24.39
N VAL A 291 19.10 -24.00 -23.22
CA VAL A 291 18.10 -23.34 -22.40
C VAL A 291 18.70 -23.00 -21.04
N LEU A 292 19.71 -23.77 -20.61
CA LEU A 292 20.41 -23.46 -19.37
C LEU A 292 21.40 -22.34 -19.57
N VAL A 293 22.03 -22.27 -20.74
CA VAL A 293 22.96 -21.19 -21.03
C VAL A 293 22.22 -19.88 -21.17
N ARG A 294 21.07 -19.88 -21.86
CA ARG A 294 20.34 -18.63 -22.09
C ARG A 294 19.68 -18.09 -20.83
N CYS A 295 19.50 -18.92 -19.81
CA CYS A 295 18.99 -18.47 -18.52
C CYS A 295 20.09 -18.11 -17.54
N MET A 296 21.13 -18.94 -17.48
CA MET A 296 22.23 -18.72 -16.54
C MET A 296 23.08 -17.53 -16.96
N LEU A 297 23.14 -17.25 -18.25
CA LEU A 297 23.80 -16.05 -18.73
C LEU A 297 22.93 -14.82 -18.55
N ASN A 298 21.62 -14.98 -18.46
CA ASN A 298 20.77 -13.80 -18.28
C ASN A 298 20.63 -13.41 -16.82
N ILE A 299 20.74 -14.37 -15.90
CA ILE A 299 20.57 -13.99 -14.50
C ILE A 299 21.89 -13.57 -13.85
N TRP A 300 23.03 -14.03 -14.37
CA TRP A 300 24.31 -13.41 -14.05
C TRP A 300 24.41 -12.09 -14.80
N GLY A 301 24.19 -10.99 -14.10
CA GLY A 301 24.14 -9.70 -14.75
C GLY A 301 24.99 -8.62 -14.13
N VAL A 302 24.38 -7.47 -13.84
CA VAL A 302 25.15 -6.31 -13.44
C VAL A 302 25.43 -6.32 -11.94
N MET A 303 24.54 -6.91 -11.13
CA MET A 303 24.64 -6.83 -9.68
C MET A 303 25.50 -7.93 -9.09
N LEU A 304 26.43 -8.48 -9.87
CA LEU A 304 27.30 -9.54 -9.39
C LEU A 304 28.70 -9.02 -9.05
N PHE A 305 29.31 -8.23 -9.94
CA PHE A 305 30.64 -7.71 -9.66
C PHE A 305 30.62 -6.33 -9.04
N ILE A 306 29.73 -5.43 -9.49
CA ILE A 306 29.88 -4.02 -9.15
C ILE A 306 28.92 -3.56 -8.07
N ARG A 307 27.96 -4.37 -7.64
CA ARG A 307 27.13 -3.99 -6.51
C ARG A 307 26.97 -5.04 -5.44
N LEU A 308 27.44 -6.27 -5.64
CA LEU A 308 27.25 -7.28 -4.61
C LEU A 308 28.19 -7.06 -3.45
N SER A 309 29.35 -6.43 -3.70
CA SER A 309 30.23 -6.06 -2.60
C SER A 309 29.62 -4.94 -1.76
N TRP A 310 28.91 -4.01 -2.39
CA TRP A 310 28.22 -2.96 -1.66
C TRP A 310 27.08 -3.52 -0.82
N ILE A 311 26.37 -4.53 -1.34
CA ILE A 311 25.25 -5.11 -0.62
C ILE A 311 25.75 -5.97 0.54
N VAL A 312 26.85 -6.69 0.36
CA VAL A 312 27.40 -7.43 1.48
C VAL A 312 28.14 -6.49 2.44
N GLY A 313 28.48 -5.28 2.01
CA GLY A 313 29.03 -4.30 2.92
C GLY A 313 28.01 -3.61 3.78
N GLN A 314 26.83 -3.31 3.22
CA GLN A 314 25.77 -2.67 3.99
C GLN A 314 25.18 -3.62 5.01
N ALA A 315 24.62 -4.74 4.57
CA ALA A 315 23.89 -5.63 5.44
C ALA A 315 24.76 -6.74 6.02
N GLY A 316 26.08 -6.61 5.93
CA GLY A 316 26.94 -7.62 6.50
C GLY A 316 26.91 -8.91 5.70
N ILE A 317 27.28 -10.00 6.37
CA ILE A 317 27.27 -11.33 5.77
C ILE A 317 26.02 -12.10 6.16
N GLY A 318 25.65 -12.06 7.45
CA GLY A 318 24.58 -12.90 7.94
C GLY A 318 23.20 -12.51 7.44
N LEU A 319 23.02 -11.25 7.07
CA LEU A 319 21.76 -10.82 6.48
C LEU A 319 21.79 -10.78 4.96
N SER A 320 22.96 -10.66 4.34
CA SER A 320 23.00 -10.66 2.88
C SER A 320 22.72 -12.04 2.32
N VAL A 321 23.13 -13.09 3.03
CA VAL A 321 22.77 -14.45 2.65
C VAL A 321 21.27 -14.66 2.80
N LEU A 322 20.64 -13.98 3.77
CA LEU A 322 19.20 -14.02 3.87
C LEU A 322 18.54 -13.27 2.73
N VAL A 323 19.19 -12.25 2.18
CA VAL A 323 18.70 -11.60 0.96
C VAL A 323 18.77 -12.55 -0.22
N ILE A 324 19.87 -13.32 -0.31
CA ILE A 324 19.99 -14.31 -1.38
C ILE A 324 18.91 -15.37 -1.27
N MET A 325 18.67 -15.87 -0.05
CA MET A 325 17.72 -16.95 0.13
C MET A 325 16.29 -16.49 -0.05
N MET A 326 15.95 -15.27 0.37
CA MET A 326 14.59 -14.80 0.15
C MET A 326 14.35 -14.44 -1.30
N ALA A 327 15.33 -13.85 -1.98
CA ALA A 327 15.19 -13.55 -3.39
C ALA A 327 15.29 -14.79 -4.26
N THR A 328 15.77 -15.91 -3.74
CA THR A 328 15.72 -17.13 -4.53
C THR A 328 14.52 -18.01 -4.19
N VAL A 329 13.90 -17.84 -3.01
CA VAL A 329 12.60 -18.49 -2.77
C VAL A 329 11.53 -17.82 -3.62
N VAL A 330 11.54 -16.48 -3.65
CA VAL A 330 10.53 -15.74 -4.37
C VAL A 330 10.65 -15.86 -5.88
N THR A 331 11.75 -16.45 -6.38
CA THR A 331 11.83 -16.80 -7.79
C THR A 331 11.86 -18.29 -8.06
N THR A 332 12.07 -19.15 -7.06
CA THR A 332 11.93 -20.56 -7.35
C THR A 332 10.48 -21.01 -7.28
N ILE A 333 9.62 -20.27 -6.58
CA ILE A 333 8.19 -20.54 -6.69
C ILE A 333 7.69 -20.14 -8.07
N THR A 334 8.21 -19.02 -8.61
CA THR A 334 7.88 -18.61 -9.96
C THR A 334 8.48 -19.58 -10.99
N GLY A 335 9.64 -20.17 -10.69
CA GLY A 335 10.20 -21.16 -11.58
C GLY A 335 9.37 -22.44 -11.65
N LEU A 336 8.86 -22.89 -10.50
CA LEU A 336 7.93 -24.01 -10.46
C LEU A 336 6.64 -23.69 -11.21
N SER A 337 6.14 -22.46 -11.06
CA SER A 337 4.90 -22.09 -11.72
C SER A 337 5.06 -21.96 -13.24
N THR A 338 6.13 -21.34 -13.71
CA THR A 338 6.34 -21.22 -15.14
C THR A 338 6.87 -22.50 -15.76
N SER A 339 7.29 -23.47 -14.96
CA SER A 339 7.49 -24.81 -15.50
C SER A 339 6.19 -25.58 -15.58
N ALA A 340 5.27 -25.34 -14.66
CA ALA A 340 3.96 -25.97 -14.76
C ALA A 340 3.10 -25.35 -15.86
N ILE A 341 3.40 -24.12 -16.30
CA ILE A 341 2.70 -23.55 -17.44
C ILE A 341 3.11 -24.25 -18.73
N ALA A 342 4.39 -24.49 -18.91
CA ALA A 342 4.91 -25.07 -20.15
C ALA A 342 4.73 -26.57 -20.24
N THR A 343 4.06 -27.19 -19.27
CA THR A 343 3.97 -28.64 -19.19
C THR A 343 2.73 -29.21 -19.88
N ASN A 344 1.63 -28.44 -19.94
CA ASN A 344 0.33 -29.02 -20.21
C ASN A 344 0.15 -29.47 -21.66
N GLY A 345 0.44 -28.60 -22.63
CA GLY A 345 0.08 -28.86 -24.00
C GLY A 345 1.29 -28.84 -24.93
N PHE A 346 1.03 -29.20 -26.18
CA PHE A 346 2.05 -29.17 -27.22
C PHE A 346 2.03 -27.85 -27.98
N VAL A 347 2.05 -26.75 -27.23
CA VAL A 347 2.07 -25.41 -27.83
C VAL A 347 3.49 -25.12 -28.29
N ARG A 348 3.80 -25.46 -29.54
CA ARG A 348 5.16 -25.33 -30.02
C ARG A 348 5.46 -23.90 -30.47
N GLY A 349 4.49 -23.22 -31.07
CA GLY A 349 4.72 -21.88 -31.56
C GLY A 349 4.87 -20.87 -30.45
N GLY A 350 5.53 -19.75 -30.78
CA GLY A 350 5.70 -18.65 -29.84
C GLY A 350 6.59 -18.99 -28.65
N GLY A 351 6.76 -17.99 -27.79
CA GLY A 351 7.51 -18.19 -26.57
C GLY A 351 7.19 -17.16 -25.49
N ALA A 352 6.86 -17.66 -24.28
CA ALA A 352 6.63 -16.91 -23.05
C ALA A 352 5.44 -15.95 -23.10
N TYR A 353 4.75 -15.90 -24.20
CA TYR A 353 3.45 -15.25 -24.32
C TYR A 353 2.42 -16.19 -24.95
N TYR A 354 2.82 -16.99 -25.92
CA TYR A 354 1.90 -17.95 -26.52
C TYR A 354 1.53 -19.05 -25.54
N LEU A 355 2.41 -19.35 -24.58
CA LEU A 355 2.15 -20.45 -23.67
C LEU A 355 1.57 -20.01 -22.34
N ILE A 356 1.76 -18.76 -21.92
CA ILE A 356 1.09 -18.28 -20.71
C ILE A 356 -0.25 -17.65 -21.00
N SER A 357 -0.58 -17.37 -22.25
CA SER A 357 -1.89 -16.83 -22.58
C SER A 357 -2.88 -17.92 -22.95
N ARG A 358 -2.50 -18.82 -23.87
CA ARG A 358 -3.39 -19.88 -24.32
C ARG A 358 -3.59 -20.96 -23.27
N SER A 359 -2.80 -20.98 -22.20
CA SER A 359 -3.02 -21.89 -21.09
C SER A 359 -3.77 -21.24 -19.94
N LEU A 360 -3.74 -19.92 -19.82
CA LEU A 360 -4.31 -19.25 -18.66
C LEU A 360 -5.37 -18.21 -19.00
N GLY A 361 -5.70 -18.03 -20.27
CA GLY A 361 -6.74 -17.12 -20.65
C GLY A 361 -6.24 -15.73 -20.96
N PRO A 362 -6.98 -15.00 -21.80
CA PRO A 362 -6.52 -13.67 -22.23
C PRO A 362 -6.59 -12.63 -21.13
N GLU A 363 -7.36 -12.85 -20.07
CA GLU A 363 -7.51 -11.86 -19.01
C GLU A 363 -6.22 -11.70 -18.22
N PHE A 364 -5.59 -12.80 -17.82
CA PHE A 364 -4.26 -12.70 -17.22
C PHE A 364 -3.17 -12.57 -18.28
N GLY A 365 -3.37 -13.16 -19.46
CA GLY A 365 -2.33 -13.12 -20.48
C GLY A 365 -2.12 -11.76 -21.11
N GLY A 366 -3.10 -10.87 -21.01
CA GLY A 366 -2.94 -9.54 -21.57
C GLY A 366 -2.34 -8.58 -20.56
N ALA A 367 -2.48 -8.91 -19.27
CA ALA A 367 -1.85 -8.10 -18.24
C ALA A 367 -0.38 -8.44 -18.08
N ILE A 368 -0.05 -9.73 -18.08
CA ILE A 368 1.35 -10.13 -17.97
C ILE A 368 2.11 -9.71 -19.22
N GLY A 369 1.46 -9.75 -20.37
CA GLY A 369 2.06 -9.34 -21.62
C GLY A 369 2.37 -7.85 -21.73
N LEU A 370 1.81 -7.02 -20.86
CA LEU A 370 2.25 -5.64 -20.76
C LEU A 370 3.23 -5.41 -19.63
N ILE A 371 3.03 -6.06 -18.48
CA ILE A 371 3.90 -5.83 -17.34
C ILE A 371 5.30 -6.36 -17.60
N PHE A 372 5.41 -7.57 -18.11
CA PHE A 372 6.71 -8.16 -18.39
C PHE A 372 7.38 -7.52 -19.59
N ALA A 373 6.61 -7.06 -20.57
CA ALA A 373 7.19 -6.37 -21.71
C ALA A 373 7.57 -4.93 -21.41
N PHE A 374 7.09 -4.37 -20.31
CA PHE A 374 7.62 -3.09 -19.84
C PHE A 374 8.81 -3.28 -18.90
N ALA A 375 8.79 -4.35 -18.11
CA ALA A 375 9.90 -4.65 -17.22
C ALA A 375 11.16 -4.98 -17.99
N ASN A 376 11.04 -5.66 -19.12
CA ASN A 376 12.21 -5.85 -19.97
C ASN A 376 12.60 -4.60 -20.72
N ALA A 377 11.69 -3.65 -20.90
CA ALA A 377 12.05 -2.40 -21.54
C ALA A 377 12.78 -1.45 -20.61
N VAL A 378 12.60 -1.57 -19.31
CA VAL A 378 13.39 -0.77 -18.36
C VAL A 378 14.62 -1.50 -17.83
N ALA A 379 14.64 -2.84 -17.85
CA ALA A 379 15.83 -3.56 -17.43
C ALA A 379 16.99 -3.35 -18.39
N VAL A 380 16.71 -3.07 -19.66
CA VAL A 380 17.80 -2.77 -20.59
C VAL A 380 18.42 -1.41 -20.27
N ALA A 381 17.65 -0.49 -19.69
CA ALA A 381 18.26 0.75 -19.22
C ALA A 381 19.10 0.52 -17.97
N MET A 382 18.66 -0.40 -17.11
CA MET A 382 19.46 -0.72 -15.93
C MET A 382 20.79 -1.37 -16.29
N TYR A 383 20.78 -2.37 -17.16
CA TYR A 383 22.02 -3.06 -17.51
C TYR A 383 22.95 -2.25 -18.37
N VAL A 384 22.54 -1.08 -18.84
CA VAL A 384 23.41 -0.21 -19.61
C VAL A 384 23.91 0.97 -18.78
N VAL A 385 23.14 1.45 -17.79
CA VAL A 385 23.79 2.36 -16.83
C VAL A 385 24.79 1.62 -15.97
N GLY A 386 24.60 0.32 -15.73
CA GLY A 386 25.61 -0.45 -15.05
C GLY A 386 26.83 -0.72 -15.92
N PHE A 387 26.62 -0.78 -17.24
CA PHE A 387 27.75 -0.87 -18.15
C PHE A 387 28.49 0.45 -18.24
N ALA A 388 27.79 1.57 -18.14
CA ALA A 388 28.44 2.86 -18.34
C ALA A 388 29.19 3.32 -17.10
N GLU A 389 28.67 3.02 -15.91
CA GLU A 389 29.36 3.54 -14.74
C GLU A 389 30.58 2.73 -14.35
N THR A 390 30.83 1.60 -15.00
CA THR A 390 32.11 0.93 -14.86
C THR A 390 33.06 1.23 -16.02
N VAL A 391 32.60 1.93 -17.04
CA VAL A 391 33.50 2.48 -18.05
C VAL A 391 33.99 3.85 -17.64
N VAL A 392 33.12 4.71 -17.10
CA VAL A 392 33.58 6.02 -16.65
C VAL A 392 34.43 5.93 -15.40
N GLU A 393 34.26 4.89 -14.58
CA GLU A 393 35.12 4.71 -13.42
C GLU A 393 36.40 3.96 -13.77
N LEU A 394 36.51 3.48 -15.01
CA LEU A 394 37.77 3.00 -15.55
C LEU A 394 38.49 4.08 -16.35
N LEU A 395 37.75 5.05 -16.88
CA LEU A 395 38.35 6.22 -17.50
C LEU A 395 38.70 7.30 -16.48
N LYS A 396 38.21 7.18 -15.24
CA LYS A 396 38.70 8.05 -14.18
C LYS A 396 40.16 7.74 -13.86
N GLU A 397 40.52 6.46 -13.88
CA GLU A 397 41.91 6.08 -13.98
C GLU A 397 42.44 6.43 -15.37
N HIS A 398 43.74 6.70 -15.43
CA HIS A 398 44.46 7.17 -16.63
C HIS A 398 43.92 8.49 -17.18
N SER A 399 43.26 9.28 -16.32
CA SER A 399 43.04 10.73 -16.48
C SER A 399 42.27 11.07 -17.77
N ILE A 400 41.02 10.63 -17.81
CA ILE A 400 40.13 10.92 -18.92
C ILE A 400 38.80 11.43 -18.38
N LEU A 401 38.42 12.64 -18.77
CA LEU A 401 37.14 13.21 -18.41
C LEU A 401 36.47 13.75 -19.66
N MET A 402 35.24 13.29 -19.93
CA MET A 402 34.55 13.72 -21.14
C MET A 402 33.87 15.06 -20.94
N ILE A 403 32.88 15.11 -20.04
CA ILE A 403 32.18 16.37 -19.75
C ILE A 403 32.18 16.63 -18.26
N ASP A 404 31.70 15.68 -17.48
CA ASP A 404 31.58 15.85 -16.04
C ASP A 404 31.74 14.48 -15.38
N GLU A 405 31.34 14.39 -14.11
CA GLU A 405 31.52 13.14 -13.37
C GLU A 405 30.45 12.12 -13.72
N ILE A 406 29.19 12.54 -13.78
CA ILE A 406 28.09 11.64 -14.13
C ILE A 406 27.34 12.11 -15.37
N ASN A 407 27.80 13.16 -16.04
CA ASN A 407 27.18 13.57 -17.29
C ASN A 407 27.73 12.79 -18.48
N ASP A 408 28.90 12.15 -18.32
CA ASP A 408 29.43 11.28 -19.35
C ASP A 408 28.84 9.88 -19.31
N ILE A 409 28.19 9.52 -18.18
CA ILE A 409 27.42 8.29 -18.13
C ILE A 409 26.26 8.37 -19.11
N ARG A 410 25.64 9.55 -19.23
CA ARG A 410 24.57 9.74 -20.21
C ARG A 410 25.09 9.65 -21.63
N ILE A 411 26.32 10.08 -21.88
CA ILE A 411 26.88 10.02 -23.23
C ILE A 411 27.17 8.58 -23.62
N ILE A 412 27.81 7.83 -22.72
CA ILE A 412 28.15 6.44 -23.05
C ILE A 412 26.89 5.56 -23.08
N GLY A 413 25.93 5.84 -22.20
CA GLY A 413 24.64 5.17 -22.29
C GLY A 413 23.84 5.55 -23.52
N ALA A 414 24.07 6.73 -24.08
CA ALA A 414 23.43 7.07 -25.34
C ALA A 414 24.07 6.30 -26.49
N ILE A 415 25.41 6.26 -26.54
CA ILE A 415 26.05 5.58 -27.66
C ILE A 415 26.08 4.07 -27.50
N THR A 416 25.65 3.52 -26.36
CA THR A 416 25.60 2.08 -26.19
C THR A 416 24.31 1.48 -26.74
N VAL A 417 23.17 2.14 -26.48
CA VAL A 417 21.89 1.57 -26.86
C VAL A 417 21.70 1.66 -28.37
N VAL A 418 22.26 2.70 -29.00
CA VAL A 418 22.13 2.81 -30.45
C VAL A 418 22.99 1.79 -31.19
N ILE A 419 24.01 1.22 -30.55
CA ILE A 419 24.75 0.12 -31.16
C ILE A 419 24.33 -1.23 -30.60
N LEU A 420 23.40 -1.24 -29.65
CA LEU A 420 22.67 -2.47 -29.37
C LEU A 420 21.44 -2.64 -30.25
N LEU A 421 20.88 -1.55 -30.77
CA LEU A 421 19.86 -1.67 -31.81
C LEU A 421 20.44 -2.15 -33.12
N GLY A 422 21.70 -1.82 -33.40
CA GLY A 422 22.36 -2.35 -34.58
C GLY A 422 22.61 -3.85 -34.48
N ILE A 423 22.75 -4.37 -33.27
CA ILE A 423 22.88 -5.81 -33.08
C ILE A 423 21.51 -6.47 -33.09
N SER A 424 20.50 -5.80 -32.52
CA SER A 424 19.18 -6.40 -32.41
C SER A 424 18.47 -6.47 -33.75
N VAL A 425 18.65 -5.47 -34.61
CA VAL A 425 17.96 -5.46 -35.90
C VAL A 425 18.62 -6.42 -36.88
N ALA A 426 19.90 -6.19 -37.18
CA ALA A 426 20.54 -6.94 -38.25
C ALA A 426 21.03 -8.31 -37.78
N GLY A 427 21.98 -8.33 -36.86
CA GLY A 427 22.69 -9.56 -36.56
C GLY A 427 22.03 -10.45 -35.54
N MET A 428 21.30 -11.46 -36.01
CA MET A 428 20.67 -12.44 -35.13
C MET A 428 21.37 -13.79 -35.14
N GLU A 429 22.09 -14.13 -36.21
CA GLU A 429 22.83 -15.39 -36.24
C GLU A 429 24.03 -15.36 -35.33
N TRP A 430 24.64 -14.18 -35.15
CA TRP A 430 25.80 -14.04 -34.28
C TRP A 430 25.42 -13.83 -32.83
N GLU A 431 24.13 -13.72 -32.51
CA GLU A 431 23.70 -13.53 -31.13
C GLU A 431 23.33 -14.85 -30.48
N ALA A 432 22.56 -15.69 -31.19
CA ALA A 432 22.22 -17.01 -30.66
C ALA A 432 23.42 -17.94 -30.72
N LYS A 433 24.06 -18.03 -31.88
CA LYS A 433 25.33 -18.73 -31.95
C LYS A 433 26.43 -17.85 -31.35
N ALA A 434 27.49 -18.52 -30.89
CA ALA A 434 28.66 -17.90 -30.24
C ALA A 434 28.25 -17.09 -29.01
N GLN A 435 27.54 -17.73 -28.09
CA GLN A 435 27.31 -17.17 -26.77
C GLN A 435 27.95 -17.98 -25.66
N ILE A 436 28.40 -19.21 -25.94
CA ILE A 436 29.22 -19.92 -24.98
C ILE A 436 30.57 -19.25 -24.86
N VAL A 437 31.06 -18.65 -25.95
CA VAL A 437 32.24 -17.80 -25.88
C VAL A 437 31.94 -16.51 -25.11
N LEU A 438 30.67 -16.14 -25.00
CA LEU A 438 30.26 -15.00 -24.20
C LEU A 438 29.96 -15.40 -22.76
N LEU A 439 30.07 -16.69 -22.44
CA LEU A 439 29.90 -17.17 -21.08
C LEU A 439 31.18 -17.77 -20.49
N VAL A 440 32.06 -18.32 -21.32
CA VAL A 440 33.30 -18.88 -20.78
C VAL A 440 34.24 -17.77 -20.32
N ILE A 441 34.15 -16.57 -20.94
CA ILE A 441 34.90 -15.43 -20.43
C ILE A 441 34.24 -14.77 -19.24
N LEU A 442 33.07 -15.26 -18.82
CA LEU A 442 32.49 -14.88 -17.55
C LEU A 442 32.81 -15.89 -16.46
N LEU A 443 32.86 -17.18 -16.80
CA LEU A 443 33.34 -18.15 -15.83
C LEU A 443 34.84 -18.02 -15.58
N LEU A 444 35.60 -17.51 -16.55
CA LEU A 444 36.98 -17.16 -16.26
C LEU A 444 37.06 -15.94 -15.34
N ALA A 445 36.09 -15.03 -15.42
CA ALA A 445 36.06 -13.89 -14.51
C ALA A 445 35.68 -14.31 -13.10
N ILE A 446 34.86 -15.34 -12.97
CA ILE A 446 34.64 -15.88 -11.62
C ILE A 446 35.88 -16.64 -11.16
N GLY A 447 36.56 -17.32 -12.08
CA GLY A 447 37.66 -18.19 -11.71
C GLY A 447 38.89 -17.43 -11.24
N ASP A 448 39.27 -16.37 -11.96
CA ASP A 448 40.44 -15.62 -11.50
C ASP A 448 40.13 -14.74 -10.29
N PHE A 449 38.86 -14.40 -10.09
CA PHE A 449 38.47 -13.74 -8.84
C PHE A 449 38.67 -14.65 -7.65
N VAL A 450 38.24 -15.91 -7.77
CA VAL A 450 38.44 -16.84 -6.66
C VAL A 450 39.92 -17.23 -6.54
N ILE A 451 40.62 -17.33 -7.66
CA ILE A 451 42.04 -17.65 -7.62
C ILE A 451 42.91 -16.47 -7.22
N GLY A 452 42.34 -15.27 -7.12
CA GLY A 452 43.10 -14.08 -6.74
C GLY A 452 42.94 -13.74 -5.26
N THR A 453 41.82 -14.09 -4.65
CA THR A 453 41.58 -13.80 -3.24
C THR A 453 42.25 -14.80 -2.30
N PHE A 454 43.02 -15.76 -2.81
CA PHE A 454 43.91 -16.54 -1.99
C PHE A 454 45.34 -16.02 -2.01
N ILE A 455 45.68 -15.15 -2.96
CA ILE A 455 47.02 -14.61 -3.04
C ILE A 455 47.24 -13.58 -1.94
N PRO A 456 48.52 -13.28 -1.69
CA PRO A 456 48.86 -12.34 -0.63
C PRO A 456 48.57 -10.90 -1.05
N LEU A 457 49.24 -10.43 -2.11
CA LEU A 457 49.15 -9.08 -2.66
C LEU A 457 49.44 -8.02 -1.59
N GLU A 458 50.69 -8.03 -1.15
CA GLU A 458 51.11 -7.23 0.01
C GLU A 458 51.02 -5.74 -0.27
N SER A 459 51.15 -5.32 -1.52
CA SER A 459 51.00 -3.93 -1.88
C SER A 459 49.54 -3.52 -2.06
N LYS A 460 48.59 -4.42 -1.82
CA LYS A 460 47.18 -4.13 -2.01
C LYS A 460 46.40 -4.01 -0.70
N LYS A 461 46.98 -4.44 0.42
CA LYS A 461 46.31 -4.29 1.72
C LYS A 461 46.01 -2.87 2.22
N PRO A 462 46.64 -1.78 1.76
CA PRO A 462 46.05 -0.47 2.05
C PRO A 462 44.68 -0.26 1.43
N LYS A 463 44.38 -0.93 0.32
CA LYS A 463 43.06 -0.80 -0.29
C LYS A 463 42.01 -1.70 0.35
N GLY A 464 42.32 -2.36 1.46
CA GLY A 464 41.35 -3.14 2.21
C GLY A 464 41.44 -4.63 2.02
N PHE A 465 42.27 -5.10 1.11
CA PHE A 465 42.35 -6.53 0.82
C PHE A 465 43.17 -7.26 1.87
N PHE A 466 42.68 -8.42 2.29
CA PHE A 466 43.37 -9.25 3.27
C PHE A 466 43.15 -10.70 2.88
N GLY A 467 43.38 -11.61 3.81
CA GLY A 467 43.19 -13.03 3.54
C GLY A 467 41.82 -13.54 3.94
N TYR A 468 41.78 -14.41 4.95
CA TYR A 468 40.54 -15.02 5.42
C TYR A 468 40.53 -15.06 6.95
N LYS A 469 40.91 -13.97 7.58
CA LYS A 469 41.12 -13.97 9.02
C LYS A 469 39.79 -13.96 9.76
N SER A 470 39.83 -14.43 11.01
CA SER A 470 38.61 -14.44 11.82
C SER A 470 38.25 -13.06 12.33
N GLU A 471 39.22 -12.16 12.43
CA GLU A 471 38.94 -10.81 12.90
C GLU A 471 38.13 -10.03 11.88
N ILE A 472 38.25 -10.35 10.60
CA ILE A 472 37.49 -9.66 9.58
C ILE A 472 36.16 -10.36 9.31
N PHE A 473 36.06 -11.66 9.56
CA PHE A 473 34.77 -12.33 9.43
C PHE A 473 33.86 -11.99 10.58
N ASN A 474 34.41 -11.86 11.79
CA ASN A 474 33.59 -11.55 12.95
C ASN A 474 33.13 -10.11 12.92
N GLU A 475 33.87 -9.22 12.26
CA GLU A 475 33.46 -7.83 12.14
C GLU A 475 32.36 -7.68 11.09
N ASN A 476 32.53 -8.30 9.93
CA ASN A 476 31.59 -8.12 8.83
C ASN A 476 30.33 -8.96 8.95
N PHE A 477 30.03 -9.53 10.11
CA PHE A 477 28.86 -10.38 10.25
C PHE A 477 27.59 -9.60 10.53
N GLY A 478 27.70 -8.38 11.06
CA GLY A 478 26.54 -7.59 11.39
C GLY A 478 26.40 -6.37 10.50
N PRO A 479 25.22 -5.75 10.50
CA PRO A 479 24.97 -4.64 9.59
C PRO A 479 25.53 -3.31 10.11
N ASP A 480 25.90 -2.47 9.16
CA ASP A 480 26.32 -1.08 9.40
C ASP A 480 25.65 -0.18 8.38
N PHE A 481 24.31 -0.26 8.34
CA PHE A 481 23.46 0.45 7.40
C PHE A 481 23.78 1.95 7.32
N ARG A 482 23.88 2.44 6.09
CA ARG A 482 24.34 3.79 5.77
C ARG A 482 23.24 4.83 5.99
N GLU A 483 23.43 6.00 5.37
CA GLU A 483 22.66 7.20 5.68
C GLU A 483 21.16 7.04 5.42
N GLU A 484 20.76 6.17 4.50
CA GLU A 484 19.34 5.95 4.25
C GLU A 484 18.96 4.50 4.00
N GLU A 485 19.91 3.61 3.74
CA GLU A 485 19.57 2.26 3.31
C GLU A 485 19.15 1.40 4.47
N THR A 486 18.07 0.65 4.27
CA THR A 486 17.54 -0.34 5.19
C THR A 486 17.64 -1.71 4.54
N PHE A 487 17.01 -2.70 5.18
CA PHE A 487 17.09 -4.08 4.69
C PHE A 487 16.35 -4.24 3.36
N PHE A 488 15.14 -3.69 3.28
CA PHE A 488 14.39 -3.85 2.04
C PHE A 488 14.91 -2.92 0.95
N SER A 489 15.63 -1.86 1.33
CA SER A 489 16.30 -1.04 0.32
C SER A 489 17.39 -1.82 -0.41
N VAL A 490 18.28 -2.50 0.33
CA VAL A 490 19.32 -3.29 -0.33
C VAL A 490 18.72 -4.55 -0.95
N PHE A 491 17.58 -5.01 -0.45
CA PHE A 491 16.86 -6.08 -1.16
C PHE A 491 16.36 -5.60 -2.51
N ALA A 492 15.83 -4.38 -2.58
CA ALA A 492 15.37 -3.83 -3.85
C ALA A 492 16.53 -3.63 -4.80
N ILE A 493 17.68 -3.24 -4.27
CA ILE A 493 18.88 -3.12 -5.11
C ILE A 493 19.32 -4.49 -5.61
N PHE A 494 19.24 -5.52 -4.77
CA PHE A 494 19.76 -6.80 -5.19
C PHE A 494 18.85 -7.58 -6.13
N PHE A 495 17.52 -7.44 -5.99
CA PHE A 495 16.59 -8.35 -6.67
C PHE A 495 16.72 -8.48 -8.19
N PRO A 496 17.12 -7.45 -8.98
CA PRO A 496 17.39 -7.74 -10.41
C PRO A 496 18.58 -8.64 -10.71
N ALA A 497 19.30 -9.14 -9.71
CA ALA A 497 20.33 -10.12 -9.96
C ALA A 497 19.82 -11.55 -10.02
N ALA A 498 18.54 -11.77 -9.75
CA ALA A 498 17.98 -13.12 -9.73
C ALA A 498 16.64 -13.14 -10.44
N THR A 499 16.58 -12.59 -11.63
CA THR A 499 15.29 -12.28 -12.22
C THR A 499 15.09 -12.64 -13.68
N GLY A 500 16.11 -13.05 -14.41
CA GLY A 500 15.88 -13.32 -15.82
C GLY A 500 15.57 -14.78 -16.12
N ILE A 501 14.83 -15.44 -15.24
CA ILE A 501 14.63 -16.88 -15.38
C ILE A 501 13.58 -17.24 -16.42
N LEU A 502 12.81 -16.28 -16.91
CA LEU A 502 11.86 -16.56 -17.97
C LEU A 502 12.48 -16.53 -19.35
N ALA A 503 13.77 -16.20 -19.46
CA ALA A 503 14.43 -16.20 -20.76
C ALA A 503 14.67 -17.60 -21.28
N GLY A 504 14.71 -18.59 -20.40
CA GLY A 504 14.77 -19.97 -20.87
C GLY A 504 13.49 -20.39 -21.57
N ALA A 505 12.35 -20.05 -20.98
CA ALA A 505 11.07 -20.34 -21.57
C ALA A 505 10.63 -19.29 -22.58
N ASN A 506 11.47 -18.29 -22.86
CA ASN A 506 11.12 -17.24 -23.81
C ASN A 506 11.37 -17.68 -25.24
N ILE A 507 11.93 -18.87 -25.45
CA ILE A 507 11.91 -19.54 -26.73
C ILE A 507 11.20 -20.86 -26.55
N SER A 508 10.26 -21.15 -27.44
CA SER A 508 9.71 -22.50 -27.54
C SER A 508 9.52 -22.95 -28.97
N GLY A 509 9.55 -22.04 -29.95
CA GLY A 509 9.55 -22.39 -31.34
C GLY A 509 10.96 -22.51 -31.88
N ASP A 510 11.93 -22.60 -30.97
CA ASP A 510 13.33 -22.73 -31.34
C ASP A 510 13.99 -23.99 -30.84
N LEU A 511 13.58 -24.52 -29.70
CA LEU A 511 14.18 -25.74 -29.17
C LEU A 511 13.26 -26.92 -29.38
N ALA A 512 13.87 -28.10 -29.48
CA ALA A 512 13.14 -29.35 -29.66
C ALA A 512 12.79 -29.95 -28.32
N ASP A 513 11.59 -30.57 -28.25
CA ASP A 513 10.96 -31.12 -27.05
C ASP A 513 10.92 -30.07 -25.94
N PRO A 514 10.05 -29.06 -26.03
CA PRO A 514 10.06 -28.00 -25.00
C PRO A 514 9.46 -28.42 -23.66
N GLN A 515 8.83 -29.58 -23.58
CA GLN A 515 8.20 -29.98 -22.34
C GLN A 515 9.22 -30.44 -21.30
N SER A 516 10.17 -31.23 -21.76
CA SER A 516 11.24 -31.74 -20.91
C SER A 516 12.30 -30.72 -20.46
N ALA A 517 12.75 -29.91 -21.41
CA ALA A 517 13.79 -28.91 -21.19
C ALA A 517 13.50 -27.74 -20.27
N ILE A 518 12.33 -27.14 -20.39
CA ILE A 518 12.02 -25.96 -19.61
C ILE A 518 11.99 -26.18 -18.11
N PRO A 519 11.45 -27.30 -17.66
CA PRO A 519 11.38 -27.60 -16.25
C PRO A 519 12.72 -27.78 -15.57
N LYS A 520 13.68 -28.44 -16.21
CA LYS A 520 14.99 -28.68 -15.60
C LYS A 520 16.15 -27.77 -16.00
N GLY A 521 15.93 -26.83 -16.89
CA GLY A 521 16.97 -25.90 -17.30
C GLY A 521 16.72 -24.54 -16.68
N THR A 522 15.53 -24.38 -16.12
CA THR A 522 15.20 -23.19 -15.33
C THR A 522 15.47 -23.43 -13.84
N LEU A 523 15.03 -24.57 -13.32
CA LEU A 523 15.27 -24.91 -11.93
C LEU A 523 16.70 -25.36 -11.65
N LEU A 524 17.52 -25.55 -12.69
CA LEU A 524 18.92 -25.88 -12.48
C LEU A 524 19.83 -24.67 -12.63
N ALA A 525 19.44 -23.67 -13.43
CA ALA A 525 20.21 -22.44 -13.49
C ALA A 525 20.11 -21.65 -12.19
N ILE A 526 18.97 -21.76 -11.49
CA ILE A 526 18.82 -21.11 -10.21
C ILE A 526 19.70 -21.77 -9.17
N LEU A 527 19.83 -23.09 -9.23
CA LEU A 527 20.67 -23.81 -8.26
C LEU A 527 22.15 -23.52 -8.49
N ILE A 528 22.55 -23.24 -9.71
CA ILE A 528 23.94 -22.82 -9.95
C ILE A 528 24.15 -21.39 -9.49
N THR A 529 23.22 -20.50 -9.83
CA THR A 529 23.43 -19.08 -9.62
C THR A 529 23.31 -18.68 -8.16
N THR A 530 22.40 -19.29 -7.41
CA THR A 530 22.33 -19.01 -5.98
C THR A 530 23.55 -19.53 -5.24
N LEU A 531 24.07 -20.70 -5.63
CA LEU A 531 25.27 -21.21 -5.02
C LEU A 531 26.54 -20.51 -5.53
N VAL A 532 26.43 -19.66 -6.53
CA VAL A 532 27.51 -18.73 -6.87
C VAL A 532 27.38 -17.42 -6.10
N TYR A 533 26.16 -16.92 -5.94
CA TYR A 533 25.94 -15.69 -5.17
C TYR A 533 26.31 -15.85 -3.70
N VAL A 534 26.02 -17.01 -3.10
CA VAL A 534 26.38 -17.20 -1.70
C VAL A 534 27.89 -17.37 -1.56
N GLY A 535 28.51 -18.11 -2.48
CA GLY A 535 29.94 -18.32 -2.46
C GLY A 535 30.74 -17.08 -2.78
N ILE A 536 30.15 -16.11 -3.45
CA ILE A 536 30.83 -14.82 -3.68
C ILE A 536 30.59 -13.87 -2.51
N ALA A 537 29.37 -13.83 -1.97
CA ALA A 537 29.08 -12.89 -0.87
C ALA A 537 29.83 -13.26 0.39
N VAL A 538 29.92 -14.55 0.73
CA VAL A 538 30.64 -14.93 1.93
C VAL A 538 32.15 -14.80 1.73
N SER A 539 32.65 -14.99 0.50
CA SER A 539 34.08 -14.86 0.27
C SER A 539 34.52 -13.41 0.30
N VAL A 540 33.83 -12.53 -0.43
CA VAL A 540 34.23 -11.12 -0.45
C VAL A 540 33.84 -10.42 0.85
N GLY A 541 32.94 -11.00 1.64
CA GLY A 541 32.63 -10.40 2.93
C GLY A 541 33.66 -10.73 3.99
N SER A 542 34.27 -11.91 3.92
CA SER A 542 35.27 -12.34 4.89
C SER A 542 36.69 -12.05 4.43
N CYS A 543 36.88 -11.09 3.53
CA CYS A 543 38.19 -10.87 2.96
C CYS A 543 38.58 -9.40 2.92
N VAL A 544 37.62 -8.50 2.76
CA VAL A 544 37.88 -7.08 2.60
C VAL A 544 37.12 -6.32 3.69
N VAL A 545 37.81 -5.42 4.38
CA VAL A 545 37.24 -4.70 5.52
C VAL A 545 36.59 -3.42 5.02
N ARG A 546 35.48 -3.05 5.64
CA ARG A 546 34.76 -1.84 5.24
C ARG A 546 35.45 -0.61 5.82
N ASP A 547 35.42 0.48 5.04
CA ASP A 547 35.90 1.81 5.42
C ASP A 547 37.39 1.79 5.80
N ALA A 548 38.21 1.56 4.78
CA ALA A 548 39.66 1.61 4.93
C ALA A 548 40.28 2.27 3.70
N THR A 549 40.97 3.39 3.92
CA THR A 549 41.59 4.11 2.82
C THR A 549 43.02 3.63 2.56
N GLY A 550 43.54 3.97 1.38
CA GLY A 550 44.83 3.49 0.95
C GLY A 550 45.94 4.51 1.03
N ASN A 551 46.84 4.34 2.00
CA ASN A 551 47.96 5.25 2.22
C ASN A 551 49.04 4.49 2.98
N VAL A 552 50.00 5.24 3.54
CA VAL A 552 51.05 4.65 4.36
C VAL A 552 50.63 4.70 5.82
N ASN A 553 50.55 3.54 6.45
CA ASN A 553 50.12 3.44 7.84
C ASN A 553 50.73 2.21 8.48
N ASP A 554 50.68 2.17 9.80
CA ASP A 554 51.23 1.05 10.57
C ASP A 554 50.44 0.90 11.85
N THR A 555 50.65 -0.22 12.53
CA THR A 555 49.90 -0.51 13.76
C THR A 555 50.55 0.16 14.97
N ILE A 556 51.79 -0.23 15.29
CA ILE A 556 52.47 0.29 16.46
C ILE A 556 53.98 0.24 16.28
N ASP A 573 39.70 -0.60 18.54
CA ASP A 573 40.06 -1.98 18.25
C ASP A 573 39.06 -2.61 17.29
N PHE A 574 39.04 -2.12 16.05
CA PHE A 574 38.13 -2.61 15.02
C PHE A 574 38.80 -3.59 14.06
N SER A 575 39.85 -3.14 13.36
CA SER A 575 40.53 -4.01 12.43
C SER A 575 41.43 -5.01 13.15
N SER A 576 42.13 -4.54 14.20
CA SER A 576 43.08 -5.32 15.00
C SER A 576 44.18 -5.94 14.13
N CYS A 577 44.61 -5.20 13.12
CA CYS A 577 45.61 -5.69 12.19
C CYS A 577 46.77 -4.71 12.10
N GLU A 578 47.66 -4.91 11.12
CA GLU A 578 48.87 -4.12 11.01
C GLU A 578 48.62 -2.70 10.52
N SER A 579 47.42 -2.39 10.03
CA SER A 579 47.11 -1.06 9.54
C SER A 579 46.07 -0.39 10.43
N SER A 580 45.98 0.93 10.32
CA SER A 580 45.04 1.72 11.11
C SER A 580 44.55 2.89 10.29
N PRO A 581 43.25 3.16 10.36
CA PRO A 581 42.60 4.19 9.56
C PRO A 581 41.70 5.04 10.45
N CYS A 582 41.03 6.01 9.83
CA CYS A 582 40.12 6.92 10.52
C CYS A 582 38.70 6.71 10.02
N SER A 583 37.73 7.11 10.84
CA SER A 583 36.33 6.93 10.50
C SER A 583 35.86 7.99 9.50
N TYR A 584 35.97 9.26 9.88
CA TYR A 584 35.50 10.36 9.05
C TYR A 584 36.42 10.59 7.86
N LEU A 586 36.99 8.14 3.17
CA LEU A 586 37.73 7.08 2.51
C LEU A 586 37.36 7.01 1.03
N MET A 587 38.28 6.52 0.21
CA MET A 587 38.05 6.41 -1.22
C MET A 587 38.28 5.01 -1.77
N ASN A 588 39.30 4.31 -1.29
CA ASN A 588 39.61 2.94 -1.73
C ASN A 588 39.08 1.91 -0.74
N ASN A 589 37.92 2.17 -0.16
CA ASN A 589 37.35 1.34 0.88
C ASN A 589 36.47 0.26 0.26
N PHE A 590 35.62 -0.36 1.09
CA PHE A 590 34.72 -1.42 0.67
C PHE A 590 33.26 -0.96 0.57
N GLN A 591 32.90 0.16 1.19
CA GLN A 591 31.56 0.72 1.06
C GLN A 591 31.51 2.02 0.29
N VAL A 592 32.65 2.54 -0.16
CA VAL A 592 32.63 3.80 -0.91
C VAL A 592 33.02 3.63 -2.37
N MET A 593 33.69 2.54 -2.74
CA MET A 593 33.91 2.23 -4.14
C MET A 593 33.19 0.94 -4.47
N SER A 594 32.65 0.87 -5.68
CA SER A 594 31.73 -0.19 -6.05
C SER A 594 32.42 -1.38 -6.71
N MET A 595 33.65 -1.23 -7.17
CA MET A 595 34.33 -2.28 -7.92
C MET A 595 35.51 -2.79 -7.11
N VAL A 596 35.34 -3.95 -6.48
CA VAL A 596 36.46 -4.61 -5.82
C VAL A 596 36.99 -5.70 -6.75
N SER A 597 38.31 -5.89 -6.72
CA SER A 597 38.97 -6.80 -7.64
C SER A 597 40.20 -7.38 -6.95
N GLY A 598 40.33 -8.70 -7.01
CA GLY A 598 41.50 -9.37 -6.48
C GLY A 598 42.73 -9.10 -7.31
N PHE A 599 42.76 -9.61 -8.54
CA PHE A 599 43.88 -9.43 -9.45
C PHE A 599 43.40 -9.68 -10.87
N THR A 600 44.33 -9.53 -11.83
CA THR A 600 44.19 -9.86 -13.25
C THR A 600 42.99 -9.16 -13.88
N PRO A 601 43.14 -7.91 -14.32
CA PRO A 601 41.99 -7.01 -14.52
C PRO A 601 41.07 -7.32 -15.70
N LEU A 602 41.10 -8.53 -16.24
CA LEU A 602 40.07 -8.98 -17.19
C LEU A 602 38.68 -9.13 -16.56
N ILE A 603 38.52 -8.85 -15.26
CA ILE A 603 37.21 -8.57 -14.68
C ILE A 603 36.56 -7.40 -15.39
N SER A 604 37.37 -6.43 -15.85
CA SER A 604 36.86 -5.38 -16.71
C SER A 604 36.31 -5.93 -18.02
N ALA A 605 36.87 -7.03 -18.51
CA ALA A 605 36.23 -7.76 -19.60
C ALA A 605 35.09 -8.63 -19.12
N GLY A 606 35.12 -9.08 -17.86
CA GLY A 606 34.03 -9.86 -17.31
C GLY A 606 32.77 -9.06 -17.07
N ILE A 607 32.88 -7.73 -16.99
CA ILE A 607 31.70 -6.88 -17.05
C ILE A 607 31.18 -6.83 -18.47
N PHE A 608 32.07 -6.81 -19.44
CA PHE A 608 31.69 -6.56 -20.83
C PHE A 608 30.90 -7.71 -21.43
N SER A 609 30.95 -8.88 -20.81
CA SER A 609 30.12 -10.01 -21.20
C SER A 609 28.98 -10.28 -20.24
N ALA A 610 28.95 -9.63 -19.07
CA ALA A 610 27.86 -9.84 -18.13
C ALA A 610 26.77 -8.79 -18.23
N THR A 611 27.09 -7.60 -18.74
CA THR A 611 26.13 -6.53 -18.82
C THR A 611 25.65 -6.25 -20.24
N LEU A 612 26.48 -6.48 -21.25
CA LEU A 612 26.00 -6.32 -22.61
C LEU A 612 25.14 -7.49 -23.05
N SER A 613 25.46 -8.70 -22.57
CA SER A 613 24.72 -9.88 -22.99
C SER A 613 23.33 -9.89 -22.37
N SER A 614 23.23 -9.53 -21.10
CA SER A 614 21.93 -9.49 -20.44
C SER A 614 21.10 -8.29 -20.86
N ALA A 615 21.73 -7.24 -21.39
CA ALA A 615 20.96 -6.13 -21.95
C ALA A 615 20.50 -6.43 -23.36
N LEU A 616 21.28 -7.22 -24.11
CA LEU A 616 20.86 -7.60 -25.45
C LEU A 616 19.71 -8.60 -25.38
N ALA A 617 19.73 -9.48 -24.38
CA ALA A 617 18.67 -10.46 -24.21
C ALA A 617 17.39 -9.86 -23.65
N SER A 618 17.42 -8.62 -23.16
CA SER A 618 16.23 -7.92 -22.73
C SER A 618 15.88 -6.77 -23.65
N LEU A 619 16.58 -6.62 -24.77
CA LEU A 619 16.17 -5.72 -25.83
C LEU A 619 15.53 -6.46 -27.00
N VAL A 620 15.93 -7.70 -27.23
CA VAL A 620 15.26 -8.52 -28.23
C VAL A 620 13.96 -9.10 -27.69
N SER A 621 13.78 -9.12 -26.37
CA SER A 621 12.69 -9.86 -25.76
C SER A 621 11.49 -9.01 -25.38
N ALA A 622 11.62 -7.70 -25.32
CA ALA A 622 10.44 -6.91 -25.00
C ALA A 622 9.56 -6.67 -26.23
N PRO A 623 10.07 -6.28 -27.44
CA PRO A 623 9.13 -6.11 -28.55
C PRO A 623 8.67 -7.42 -29.16
N LYS A 624 9.44 -8.49 -29.01
CA LYS A 624 8.94 -9.76 -29.54
C LYS A 624 7.90 -10.41 -28.63
N ILE A 625 7.69 -9.89 -27.43
CA ILE A 625 6.50 -10.22 -26.64
C ILE A 625 5.36 -9.26 -26.93
N PHE A 626 5.69 -7.97 -26.99
CA PHE A 626 4.68 -6.94 -27.23
C PHE A 626 4.07 -7.03 -28.63
N GLN A 627 4.81 -7.57 -29.59
CA GLN A 627 4.27 -7.78 -30.93
C GLN A 627 3.19 -8.86 -30.93
N ALA A 628 3.44 -9.99 -30.26
CA ALA A 628 2.43 -11.04 -30.19
C ALA A 628 1.24 -10.61 -29.35
N LEU A 629 1.47 -9.74 -28.36
CA LEU A 629 0.36 -9.12 -27.63
C LEU A 629 -0.50 -8.25 -28.55
N CYS A 630 0.13 -7.47 -29.43
CA CYS A 630 -0.60 -6.63 -30.35
C CYS A 630 -1.07 -7.38 -31.60
N LYS A 631 -0.70 -8.65 -31.74
CA LYS A 631 -1.24 -9.50 -32.77
C LYS A 631 -2.47 -10.25 -32.33
N ASP A 632 -2.60 -10.55 -31.03
CA ASP A 632 -3.86 -11.07 -30.54
C ASP A 632 -4.96 -10.00 -30.48
N ASN A 633 -4.57 -8.72 -30.57
CA ASN A 633 -5.48 -7.57 -30.64
C ASN A 633 -6.37 -7.51 -29.41
N ILE A 634 -5.81 -7.85 -28.25
CA ILE A 634 -6.54 -7.72 -27.00
C ILE A 634 -6.75 -6.25 -26.66
N TYR A 635 -5.72 -5.45 -26.82
CA TYR A 635 -5.82 -4.02 -26.55
C TYR A 635 -5.85 -3.26 -27.86
N PRO A 636 -7.00 -2.71 -28.26
CA PRO A 636 -7.13 -2.15 -29.62
C PRO A 636 -6.37 -0.85 -29.83
N ALA A 637 -5.98 -0.15 -28.77
CA ALA A 637 -5.23 1.08 -28.96
C ALA A 637 -3.79 0.82 -29.35
N PHE A 638 -3.31 -0.41 -29.22
CA PHE A 638 -1.91 -0.76 -29.45
C PHE A 638 -1.70 -1.46 -30.79
N GLN A 639 -2.70 -1.44 -31.67
CA GLN A 639 -2.66 -2.25 -32.90
C GLN A 639 -1.65 -1.76 -33.92
N MET A 640 -1.01 -0.61 -33.69
CA MET A 640 0.08 -0.17 -34.55
C MET A 640 1.28 -1.11 -34.44
N PHE A 641 1.56 -1.59 -33.22
CA PHE A 641 2.82 -2.27 -32.93
C PHE A 641 2.76 -3.77 -33.25
N ALA A 642 2.36 -4.09 -34.47
CA ALA A 642 2.42 -5.47 -34.96
C ALA A 642 2.99 -5.60 -36.35
N LYS A 643 3.02 -4.54 -37.15
CA LYS A 643 3.56 -4.59 -38.50
C LYS A 643 5.06 -4.37 -38.44
N GLY A 644 5.81 -5.28 -39.04
CA GLY A 644 7.26 -5.17 -39.05
C GLY A 644 7.86 -5.42 -40.43
N TYR A 645 9.18 -5.53 -40.49
CA TYR A 645 9.88 -5.81 -41.72
C TYR A 645 9.90 -7.32 -41.98
N ASN A 648 11.12 -11.30 -42.21
CA ASN A 648 11.45 -12.30 -41.18
C ASN A 648 10.81 -11.98 -39.82
N ASN A 649 9.68 -11.28 -39.85
CA ASN A 649 8.82 -10.99 -38.68
C ASN A 649 9.57 -10.26 -37.58
N GLU A 650 10.33 -9.23 -37.96
CA GLU A 650 11.06 -8.42 -37.01
C GLU A 650 10.31 -7.13 -36.76
N PRO A 651 9.86 -6.85 -35.53
CA PRO A 651 9.16 -5.59 -35.26
C PRO A 651 10.13 -4.42 -35.14
N LEU A 652 10.17 -3.58 -36.16
CA LEU A 652 11.06 -2.42 -36.13
C LEU A 652 10.42 -1.20 -35.51
N ARG A 653 9.09 -1.11 -35.51
CA ARG A 653 8.42 0.00 -34.86
C ARG A 653 8.12 -0.27 -33.40
N GLY A 654 8.53 -1.42 -32.86
CA GLY A 654 8.49 -1.66 -31.44
C GLY A 654 9.87 -1.46 -30.83
N TYR A 655 10.90 -1.60 -31.68
CA TYR A 655 12.26 -1.26 -31.28
C TYR A 655 12.39 0.22 -31.00
N ILE A 656 11.64 1.06 -31.71
CA ILE A 656 11.67 2.49 -31.44
C ILE A 656 11.00 2.80 -30.11
N LEU A 657 9.95 2.06 -29.76
CA LEU A 657 9.27 2.28 -28.49
C LEU A 657 10.13 1.84 -27.32
N THR A 658 10.74 0.65 -27.41
CA THR A 658 11.62 0.24 -26.33
C THR A 658 12.93 1.01 -26.31
N PHE A 659 13.33 1.61 -27.43
CA PHE A 659 14.47 2.51 -27.42
C PHE A 659 14.13 3.80 -26.70
N LEU A 660 12.91 4.32 -26.90
CA LEU A 660 12.53 5.53 -26.19
C LEU A 660 12.32 5.28 -24.71
N ILE A 661 11.83 4.08 -24.33
CA ILE A 661 11.68 3.78 -22.91
C ILE A 661 13.04 3.62 -22.24
N ALA A 662 13.98 2.93 -22.91
CA ALA A 662 15.32 2.78 -22.36
C ALA A 662 16.06 4.11 -22.31
N LEU A 663 15.86 4.96 -23.32
CA LEU A 663 16.51 6.26 -23.33
C LEU A 663 15.89 7.20 -22.32
N GLY A 664 14.60 7.02 -22.00
CA GLY A 664 14.02 7.82 -20.93
C GLY A 664 14.52 7.42 -19.56
N PHE A 665 14.58 6.11 -19.31
CA PHE A 665 15.05 5.65 -18.01
C PHE A 665 16.56 5.55 -17.93
N ILE A 666 17.30 5.92 -18.98
CA ILE A 666 18.75 5.87 -18.93
C ILE A 666 19.35 7.23 -18.57
N LEU A 667 18.59 8.32 -18.69
CA LEU A 667 19.16 9.63 -18.47
C LEU A 667 19.32 9.93 -16.99
N ILE A 668 18.54 9.28 -16.14
CA ILE A 668 18.90 9.23 -14.73
C ILE A 668 20.08 8.27 -14.57
N ALA A 669 21.22 8.80 -14.14
CA ALA A 669 22.48 8.09 -14.23
C ALA A 669 22.90 7.50 -12.89
N GLU A 670 21.95 7.03 -12.10
CA GLU A 670 22.25 6.35 -10.84
C GLU A 670 21.64 4.97 -10.89
N LEU A 671 22.45 3.95 -10.64
CA LEU A 671 21.96 2.58 -10.67
C LEU A 671 21.08 2.26 -9.48
N ASN A 672 21.36 2.88 -8.34
CA ASN A 672 20.60 2.63 -7.12
C ASN A 672 19.23 3.29 -7.13
N VAL A 673 18.97 4.17 -8.10
CA VAL A 673 17.63 4.70 -8.29
C VAL A 673 16.84 3.83 -9.25
N ILE A 674 17.51 3.29 -10.26
CA ILE A 674 16.84 2.52 -11.30
C ILE A 674 16.49 1.11 -10.81
N ALA A 675 17.36 0.48 -10.02
CA ALA A 675 17.11 -0.89 -9.58
C ALA A 675 15.83 -1.14 -8.76
N PRO A 676 15.33 -0.23 -7.91
CA PRO A 676 14.00 -0.51 -7.30
C PRO A 676 12.85 -0.50 -8.27
N ILE A 677 12.86 0.35 -9.31
CA ILE A 677 11.77 0.32 -10.27
C ILE A 677 11.99 -0.71 -11.37
N ILE A 678 13.03 -1.54 -11.27
CA ILE A 678 13.08 -2.80 -12.01
C ILE A 678 12.53 -3.92 -11.15
N SER A 679 12.92 -3.93 -9.88
CA SER A 679 12.44 -4.90 -8.91
C SER A 679 10.98 -4.69 -8.54
N ASN A 680 10.38 -3.58 -8.95
CA ASN A 680 8.94 -3.41 -8.84
C ASN A 680 8.21 -4.21 -9.90
N PHE A 681 8.55 -3.99 -11.17
CA PHE A 681 7.80 -4.62 -12.24
C PHE A 681 8.12 -6.10 -12.40
N PHE A 682 9.33 -6.53 -12.04
CA PHE A 682 9.57 -7.97 -12.06
C PHE A 682 8.81 -8.71 -10.97
N LEU A 683 8.59 -8.09 -9.83
CA LEU A 683 7.68 -8.68 -8.85
C LEU A 683 6.22 -8.55 -9.26
N ALA A 684 5.86 -7.50 -9.99
CA ALA A 684 4.49 -7.35 -10.46
C ALA A 684 4.16 -8.28 -11.61
N SER A 685 5.15 -8.87 -12.27
CA SER A 685 4.85 -9.93 -13.22
C SER A 685 4.97 -11.31 -12.61
N TYR A 686 5.86 -11.51 -11.63
CA TYR A 686 5.93 -12.81 -10.99
C TYR A 686 4.75 -13.06 -10.07
N ALA A 687 4.15 -12.02 -9.50
CA ALA A 687 2.94 -12.20 -8.71
C ALA A 687 1.76 -12.58 -9.59
N LEU A 688 1.70 -12.02 -10.81
CA LEU A 688 0.60 -12.37 -11.70
C LEU A 688 0.75 -13.78 -12.24
N ILE A 689 1.97 -14.26 -12.48
CA ILE A 689 2.14 -15.66 -12.86
C ILE A 689 1.76 -16.58 -11.70
N ASN A 690 2.27 -16.30 -10.50
CA ASN A 690 2.02 -17.16 -9.34
C ASN A 690 0.57 -17.11 -8.87
N PHE A 691 -0.17 -16.08 -9.24
CA PHE A 691 -1.59 -16.02 -8.90
C PHE A 691 -2.48 -16.55 -10.01
N SER A 692 -2.10 -16.38 -11.28
CA SER A 692 -2.93 -16.90 -12.36
C SER A 692 -2.86 -18.42 -12.42
N VAL A 693 -1.75 -19.02 -12.02
CA VAL A 693 -1.71 -20.48 -11.96
C VAL A 693 -2.58 -21.00 -10.82
N PHE A 694 -2.62 -20.29 -9.69
CA PHE A 694 -3.54 -20.64 -8.61
C PHE A 694 -4.98 -20.46 -9.03
N HIS A 695 -5.27 -19.41 -9.79
CA HIS A 695 -6.64 -19.16 -10.21
C HIS A 695 -7.11 -20.17 -11.26
N ALA A 696 -6.20 -20.68 -12.08
CA ALA A 696 -6.58 -21.79 -12.94
C ALA A 696 -6.66 -23.09 -12.17
N SER A 697 -5.94 -23.21 -11.05
CA SER A 697 -6.08 -24.38 -10.20
C SER A 697 -7.39 -24.38 -9.44
N LEU A 698 -8.01 -23.22 -9.27
CA LEU A 698 -9.27 -23.14 -8.55
C LEU A 698 -10.48 -23.06 -9.48
N ALA A 699 -10.36 -22.35 -10.60
CA ALA A 699 -11.39 -22.32 -11.64
C ALA A 699 -10.98 -23.30 -12.72
N LYS A 700 -11.38 -24.56 -12.55
CA LYS A 700 -10.89 -25.65 -13.39
C LYS A 700 -11.38 -25.59 -14.83
N TRP A 704 -6.85 -26.82 -18.75
CA TRP A 704 -5.64 -26.63 -17.95
C TRP A 704 -5.43 -27.82 -17.02
N ARG A 705 -4.46 -28.67 -17.34
CA ARG A 705 -4.02 -29.74 -16.47
C ARG A 705 -2.53 -29.63 -16.25
N PRO A 706 -2.04 -29.61 -15.01
CA PRO A 706 -0.67 -29.17 -14.77
C PRO A 706 0.40 -30.17 -15.20
N ALA A 707 0.15 -31.47 -15.02
CA ALA A 707 1.01 -32.57 -15.45
C ALA A 707 2.40 -32.53 -14.81
N PHE A 708 2.49 -32.02 -13.57
CA PHE A 708 3.58 -32.30 -12.63
C PHE A 708 4.95 -31.82 -13.14
N LYS A 709 5.15 -30.52 -13.07
CA LYS A 709 6.50 -29.95 -13.18
C LYS A 709 7.19 -29.90 -11.81
N TYR A 710 7.10 -31.04 -11.10
CA TYR A 710 7.66 -31.45 -9.82
C TYR A 710 7.02 -30.77 -8.61
N TYR A 711 6.29 -29.67 -8.83
CA TYR A 711 5.45 -29.04 -7.81
C TYR A 711 4.53 -28.08 -8.55
N ASN A 712 3.23 -28.39 -8.60
CA ASN A 712 2.28 -27.45 -9.18
C ASN A 712 1.08 -27.29 -8.27
N MET A 713 1.32 -27.28 -6.96
CA MET A 713 0.26 -27.28 -5.97
C MET A 713 -0.31 -25.87 -5.79
N TRP A 714 -1.10 -25.69 -4.74
CA TRP A 714 -1.58 -24.37 -4.35
C TRP A 714 -0.67 -23.71 -3.32
N ILE A 715 0.59 -24.12 -3.25
CA ILE A 715 1.62 -23.37 -2.53
C ILE A 715 2.11 -22.18 -3.35
N SER A 716 1.76 -22.14 -4.64
CA SER A 716 2.11 -20.99 -5.47
C SER A 716 1.41 -19.71 -4.99
N LEU A 717 0.25 -19.86 -4.36
CA LEU A 717 -0.43 -18.76 -3.67
C LEU A 717 0.49 -18.10 -2.64
N LEU A 718 1.27 -18.92 -1.92
CA LEU A 718 2.26 -18.37 -1.00
C LEU A 718 3.37 -17.66 -1.76
N GLY A 719 3.67 -18.08 -2.98
CA GLY A 719 4.58 -17.31 -3.79
C GLY A 719 3.97 -16.12 -4.46
N ALA A 720 2.65 -15.95 -4.37
CA ALA A 720 1.98 -14.75 -4.85
C ALA A 720 1.66 -13.78 -3.73
N ILE A 721 1.75 -14.21 -2.48
CA ILE A 721 1.69 -13.28 -1.36
C ILE A 721 3.05 -12.63 -1.11
N LEU A 722 4.12 -13.44 -1.14
CA LEU A 722 5.47 -12.91 -0.95
C LEU A 722 5.93 -12.00 -2.07
N CYS A 723 5.36 -12.13 -3.27
CA CYS A 723 5.62 -11.14 -4.30
C CYS A 723 4.77 -9.90 -4.14
N CYS A 724 3.81 -9.91 -3.22
CA CYS A 724 2.88 -8.79 -3.06
C CYS A 724 3.25 -7.88 -1.90
N ILE A 725 3.45 -8.44 -0.70
CA ILE A 725 3.73 -7.60 0.45
C ILE A 725 5.14 -7.05 0.39
N VAL A 726 6.08 -7.77 -0.22
CA VAL A 726 7.43 -7.27 -0.38
C VAL A 726 7.49 -6.24 -1.51
N MET A 727 6.56 -6.31 -2.46
CA MET A 727 6.49 -5.24 -3.45
C MET A 727 5.88 -3.97 -2.86
N PHE A 728 5.11 -4.07 -1.78
CA PHE A 728 4.58 -2.88 -1.12
C PHE A 728 5.49 -2.31 -0.04
N VAL A 729 6.31 -3.14 0.61
CA VAL A 729 7.29 -2.60 1.56
C VAL A 729 8.28 -1.71 0.83
N ILE A 730 8.67 -2.10 -0.38
CA ILE A 730 9.49 -1.29 -1.25
C ILE A 730 8.56 -0.36 -2.02
N ASN A 731 8.47 0.91 -1.59
CA ASN A 731 7.84 2.01 -2.34
C ASN A 731 6.36 1.74 -2.61
N TRP A 732 5.56 1.80 -1.52
CA TRP A 732 4.16 1.39 -1.56
C TRP A 732 3.31 2.16 -2.57
N TRP A 733 3.62 3.43 -2.82
CA TRP A 733 2.81 4.17 -3.77
C TRP A 733 3.11 3.82 -5.22
N ALA A 734 4.15 3.04 -5.48
CA ALA A 734 4.42 2.51 -6.80
C ALA A 734 3.94 1.08 -6.98
N ALA A 735 3.61 0.38 -5.88
CA ALA A 735 2.94 -0.89 -5.98
C ALA A 735 1.43 -0.75 -6.02
N LEU A 736 0.89 0.26 -5.31
CA LEU A 736 -0.53 0.60 -5.43
C LEU A 736 -0.89 0.95 -6.86
N LEU A 737 -0.06 1.79 -7.50
CA LEU A 737 -0.34 2.25 -8.84
C LEU A 737 -0.29 1.10 -9.84
N THR A 738 0.65 0.17 -9.68
CA THR A 738 0.70 -0.93 -10.63
C THR A 738 -0.32 -2.00 -10.33
N TYR A 739 -0.86 -2.10 -9.11
CA TYR A 739 -1.97 -3.01 -8.90
C TYR A 739 -3.31 -2.43 -9.33
N VAL A 740 -3.46 -1.11 -9.30
CA VAL A 740 -4.62 -0.51 -9.94
C VAL A 740 -4.55 -0.66 -11.46
N ILE A 741 -3.34 -0.58 -12.04
CA ILE A 741 -3.18 -0.80 -13.48
C ILE A 741 -3.51 -2.24 -13.86
N VAL A 742 -2.96 -3.22 -13.13
CA VAL A 742 -3.23 -4.61 -13.50
C VAL A 742 -4.60 -5.10 -13.04
N LEU A 743 -5.35 -4.33 -12.26
CA LEU A 743 -6.75 -4.66 -12.07
C LEU A 743 -7.65 -4.00 -13.11
N GLY A 744 -7.28 -2.80 -13.57
CA GLY A 744 -8.03 -2.19 -14.65
C GLY A 744 -7.84 -2.89 -15.97
N LEU A 745 -6.65 -3.43 -16.21
CA LEU A 745 -6.40 -4.21 -17.41
C LEU A 745 -6.90 -5.64 -17.29
N TYR A 746 -7.39 -6.03 -16.13
CA TYR A 746 -8.13 -7.28 -16.00
C TYR A 746 -9.60 -7.06 -16.27
N ILE A 747 -10.17 -5.99 -15.69
CA ILE A 747 -11.61 -5.73 -15.86
C ILE A 747 -11.91 -5.26 -17.29
N TYR A 748 -10.99 -4.55 -17.94
CA TYR A 748 -11.21 -4.17 -19.33
C TYR A 748 -11.21 -5.37 -20.27
N VAL A 749 -10.40 -6.40 -19.97
CA VAL A 749 -10.33 -7.53 -20.86
C VAL A 749 -11.49 -8.49 -20.61
N THR A 750 -11.88 -8.71 -19.35
CA THR A 750 -12.93 -9.69 -19.10
C THR A 750 -14.31 -9.18 -19.53
N TYR A 751 -14.57 -7.88 -19.44
CA TYR A 751 -15.82 -7.32 -19.98
C TYR A 751 -15.58 -6.56 -21.28
N LYS A 752 -15.24 -7.30 -22.33
CA LYS A 752 -15.30 -6.74 -23.67
C LYS A 752 -15.87 -7.78 -24.62
N LYS A 753 -16.46 -7.31 -25.71
CA LYS A 753 -17.20 -8.15 -26.64
C LYS A 753 -16.25 -8.72 -27.67
N PRO A 754 -16.07 -10.04 -27.67
CA PRO A 754 -15.22 -10.72 -28.63
C PRO A 754 -15.70 -12.14 -28.85
N TRP B 287 -41.55 7.70 5.28
CA TRP B 287 -41.64 9.08 5.72
C TRP B 287 -40.25 9.64 6.02
N ILE B 288 -40.02 10.90 5.66
CA ILE B 288 -38.68 11.47 5.76
C ILE B 288 -38.30 11.74 7.21
N LYS B 289 -39.26 12.03 8.08
CA LYS B 289 -38.95 12.45 9.45
C LYS B 289 -38.57 11.30 10.36
N GLY B 290 -38.49 10.07 9.86
CA GLY B 290 -38.07 8.95 10.66
C GLY B 290 -36.85 8.28 10.04
N VAL B 291 -36.34 8.88 8.97
CA VAL B 291 -35.12 8.39 8.32
C VAL B 291 -34.08 9.51 8.32
N LEU B 292 -34.53 10.76 8.37
CA LEU B 292 -33.60 11.88 8.46
C LEU B 292 -33.11 12.06 9.89
N VAL B 293 -33.98 11.79 10.87
CA VAL B 293 -33.57 11.89 12.26
C VAL B 293 -32.58 10.78 12.60
N ARG B 294 -32.84 9.55 12.14
CA ARG B 294 -31.97 8.43 12.48
C ARG B 294 -30.61 8.50 11.80
N CYS B 295 -30.48 9.28 10.74
CA CYS B 295 -29.19 9.51 10.08
C CYS B 295 -28.49 10.74 10.61
N MET B 296 -29.23 11.84 10.79
CA MET B 296 -28.65 13.09 11.25
C MET B 296 -28.23 13.01 12.70
N LEU B 297 -28.91 12.19 13.49
CA LEU B 297 -28.49 11.93 14.85
C LEU B 297 -27.33 10.96 14.92
N ASN B 298 -27.13 10.13 13.90
CA ASN B 298 -26.02 9.20 13.95
C ASN B 298 -24.73 9.81 13.42
N ILE B 299 -24.82 10.78 12.53
CA ILE B 299 -23.57 11.35 12.03
C ILE B 299 -23.08 12.52 12.87
N TRP B 300 -23.97 13.20 13.60
CA TRP B 300 -23.55 14.08 14.69
C TRP B 300 -23.13 13.21 15.86
N GLY B 301 -21.82 13.07 16.06
CA GLY B 301 -21.33 12.17 17.08
C GLY B 301 -20.30 12.74 18.01
N VAL B 302 -19.17 12.04 18.15
CA VAL B 302 -18.21 12.40 19.17
C VAL B 302 -17.26 13.49 18.69
N MET B 303 -16.98 13.55 17.38
CA MET B 303 -15.96 14.44 16.86
C MET B 303 -16.50 15.83 16.53
N LEU B 304 -17.59 16.24 17.17
CA LEU B 304 -18.19 17.54 16.92
C LEU B 304 -17.85 18.54 18.02
N PHE B 305 -18.00 18.16 19.28
CA PHE B 305 -17.68 19.08 20.36
C PHE B 305 -16.27 18.92 20.89
N ILE B 306 -15.77 17.69 21.03
CA ILE B 306 -14.55 17.47 21.81
C ILE B 306 -13.32 17.25 20.97
N ARG B 307 -13.43 17.13 19.65
CA ARG B 307 -12.25 17.05 18.81
C ARG B 307 -12.25 17.95 17.60
N LEU B 308 -13.35 18.63 17.28
CA LEU B 308 -13.35 19.48 16.10
C LEU B 308 -12.57 20.76 16.36
N SER B 309 -12.51 21.20 17.61
CA SER B 309 -11.66 22.35 17.95
C SER B 309 -10.19 21.99 17.82
N TRP B 310 -9.83 20.76 18.17
CA TRP B 310 -8.44 20.32 18.00
C TRP B 310 -8.07 20.20 16.54
N ILE B 311 -9.00 19.77 15.69
CA ILE B 311 -8.74 19.61 14.26
C ILE B 311 -8.66 20.96 13.58
N VAL B 312 -9.50 21.92 13.98
CA VAL B 312 -9.38 23.25 13.42
C VAL B 312 -8.19 24.00 14.04
N GLY B 313 -7.67 23.53 15.18
CA GLY B 313 -6.47 24.10 15.73
C GLY B 313 -5.20 23.62 15.06
N GLN B 314 -5.15 22.33 14.70
CA GLN B 314 -3.97 21.80 14.02
C GLN B 314 -3.85 22.34 12.61
N ALA B 315 -4.85 22.08 11.77
CA ALA B 315 -4.77 22.41 10.36
C ALA B 315 -5.34 23.79 10.03
N GLY B 316 -5.54 24.63 11.03
CA GLY B 316 -6.05 25.97 10.77
C GLY B 316 -7.50 25.94 10.34
N ILE B 317 -7.89 27.01 9.66
CA ILE B 317 -9.25 27.14 9.12
C ILE B 317 -9.31 26.77 7.66
N GLY B 318 -8.35 27.25 6.86
CA GLY B 318 -8.42 27.09 5.42
C GLY B 318 -8.22 25.66 4.95
N LEU B 319 -7.53 24.84 5.73
CA LEU B 319 -7.39 23.43 5.40
C LEU B 319 -8.38 22.54 6.12
N SER B 320 -8.94 22.96 7.25
CA SER B 320 -9.92 22.13 7.92
C SER B 320 -11.23 22.11 7.16
N VAL B 321 -11.59 23.22 6.51
CA VAL B 321 -12.76 23.24 5.63
C VAL B 321 -12.52 22.34 4.43
N LEU B 322 -11.26 22.21 3.98
CA LEU B 322 -10.96 21.24 2.94
C LEU B 322 -11.08 19.82 3.44
N VAL B 323 -10.84 19.58 4.74
CA VAL B 323 -11.10 18.27 5.32
C VAL B 323 -12.59 17.97 5.33
N ILE B 324 -13.41 18.99 5.65
CA ILE B 324 -14.86 18.82 5.63
C ILE B 324 -15.33 18.50 4.22
N MET B 325 -14.83 19.24 3.23
CA MET B 325 -15.31 19.07 1.86
C MET B 325 -14.83 17.76 1.25
N MET B 326 -13.62 17.32 1.56
CA MET B 326 -13.16 16.04 1.02
C MET B 326 -13.85 14.87 1.71
N ALA B 327 -14.07 14.97 3.03
CA ALA B 327 -14.78 13.91 3.72
C ALA B 327 -16.26 13.92 3.45
N THR B 328 -16.82 14.99 2.88
CA THR B 328 -18.21 14.95 2.47
C THR B 328 -18.39 14.62 0.99
N VAL B 329 -17.36 14.80 0.15
CA VAL B 329 -17.42 14.26 -1.20
C VAL B 329 -17.31 12.74 -1.16
N VAL B 330 -16.38 12.24 -0.35
CA VAL B 330 -16.14 10.80 -0.27
C VAL B 330 -17.27 10.05 0.41
N THR B 331 -18.23 10.76 1.02
CA THR B 331 -19.44 10.12 1.50
C THR B 331 -20.70 10.52 0.75
N THR B 332 -20.68 11.59 -0.05
CA THR B 332 -21.86 11.85 -0.86
C THR B 332 -21.87 11.01 -2.13
N ILE B 333 -20.70 10.54 -2.58
CA ILE B 333 -20.71 9.55 -3.66
C ILE B 333 -21.26 8.22 -3.14
N THR B 334 -20.92 7.87 -1.89
CA THR B 334 -21.48 6.68 -1.27
C THR B 334 -22.97 6.86 -0.99
N GLY B 335 -23.41 8.09 -0.68
CA GLY B 335 -24.83 8.33 -0.51
C GLY B 335 -25.62 8.17 -1.79
N LEU B 336 -25.07 8.65 -2.91
CA LEU B 336 -25.69 8.42 -4.21
C LEU B 336 -25.72 6.94 -4.55
N SER B 337 -24.66 6.21 -4.24
CA SER B 337 -24.59 4.80 -4.55
C SER B 337 -25.56 3.97 -3.72
N THR B 338 -25.63 4.23 -2.40
CA THR B 338 -26.56 3.48 -1.56
C THR B 338 -27.99 3.98 -1.68
N SER B 339 -28.21 5.11 -2.35
CA SER B 339 -29.57 5.43 -2.75
C SER B 339 -29.95 4.75 -4.05
N ALA B 340 -28.97 4.53 -4.94
CA ALA B 340 -29.25 3.77 -6.14
C ALA B 340 -29.39 2.27 -5.86
N ILE B 341 -28.87 1.78 -4.74
CA ILE B 341 -29.09 0.39 -4.37
C ILE B 341 -30.54 0.18 -3.94
N ALA B 342 -31.07 1.08 -3.13
CA ALA B 342 -32.41 0.93 -2.58
C ALA B 342 -33.52 1.31 -3.56
N THR B 343 -33.19 1.62 -4.80
CA THR B 343 -34.15 2.15 -5.75
C THR B 343 -34.79 1.07 -6.62
N ASN B 344 -34.08 -0.04 -6.87
CA ASN B 344 -34.43 -0.91 -7.98
C ASN B 344 -35.71 -1.72 -7.73
N GLY B 345 -35.79 -2.42 -6.59
CA GLY B 345 -36.83 -3.39 -6.37
C GLY B 345 -37.66 -3.08 -5.13
N PHE B 346 -38.71 -3.87 -4.96
CA PHE B 346 -39.58 -3.76 -3.80
C PHE B 346 -39.14 -4.73 -2.70
N VAL B 347 -37.86 -4.68 -2.36
CA VAL B 347 -37.31 -5.52 -1.29
C VAL B 347 -37.67 -4.88 0.04
N ARG B 348 -38.82 -5.27 0.59
CA ARG B 348 -39.29 -4.63 1.81
C ARG B 348 -38.63 -5.21 3.05
N GLY B 349 -38.37 -6.52 3.07
CA GLY B 349 -37.79 -7.14 4.24
C GLY B 349 -36.34 -6.74 4.44
N GLY B 350 -35.88 -6.89 5.69
CA GLY B 350 -34.50 -6.62 6.05
C GLY B 350 -34.10 -5.16 5.91
N GLY B 351 -32.84 -4.90 6.23
CA GLY B 351 -32.29 -3.56 6.08
C GLY B 351 -30.79 -3.53 5.99
N ALA B 352 -30.26 -2.87 4.95
CA ALA B 352 -28.85 -2.59 4.68
C ALA B 352 -27.98 -3.83 4.47
N TYR B 353 -28.55 -4.99 4.52
CA TYR B 353 -27.94 -6.23 4.09
C TYR B 353 -28.83 -6.99 3.12
N TYR B 354 -30.15 -6.98 3.35
CA TYR B 354 -31.05 -7.64 2.43
C TYR B 354 -31.12 -6.91 1.10
N LEU B 355 -30.85 -5.61 1.08
CA LEU B 355 -30.97 -4.85 -0.14
C LEU B 355 -29.65 -4.63 -0.87
N ILE B 356 -28.51 -4.72 -0.19
CA ILE B 356 -27.23 -4.66 -0.89
C ILE B 356 -26.72 -6.02 -1.29
N SER B 357 -27.31 -7.10 -0.79
CA SER B 357 -26.90 -8.44 -1.21
C SER B 357 -27.75 -8.96 -2.36
N ARG B 358 -29.08 -8.90 -2.23
CA ARG B 358 -29.97 -9.41 -3.26
C ARG B 358 -30.01 -8.52 -4.50
N SER B 359 -29.44 -7.32 -4.45
CA SER B 359 -29.31 -6.48 -5.63
C SER B 359 -27.94 -6.57 -6.27
N LEU B 360 -26.90 -6.98 -5.51
CA LEU B 360 -25.54 -6.95 -6.02
C LEU B 360 -24.84 -8.30 -5.97
N GLY B 361 -25.50 -9.35 -5.51
CA GLY B 361 -24.91 -10.66 -5.51
C GLY B 361 -24.22 -11.00 -4.21
N PRO B 362 -24.12 -12.30 -3.90
CA PRO B 362 -23.54 -12.72 -2.62
C PRO B 362 -22.05 -12.51 -2.54
N GLU B 363 -21.35 -12.35 -3.66
CA GLU B 363 -19.90 -12.20 -3.65
C GLU B 363 -19.49 -10.86 -3.03
N PHE B 364 -20.12 -9.77 -3.44
CA PHE B 364 -19.90 -8.50 -2.75
C PHE B 364 -20.71 -8.39 -1.46
N GLY B 365 -21.90 -9.02 -1.42
CA GLY B 365 -22.74 -8.89 -0.25
C GLY B 365 -22.24 -9.62 0.98
N GLY B 366 -21.35 -10.59 0.80
CA GLY B 366 -20.80 -11.29 1.94
C GLY B 366 -19.55 -10.64 2.46
N ALA B 367 -18.90 -9.85 1.61
CA ALA B 367 -17.73 -9.09 2.05
C ALA B 367 -18.14 -7.82 2.76
N ILE B 368 -19.13 -7.10 2.22
CA ILE B 368 -19.60 -5.88 2.89
C ILE B 368 -20.29 -6.23 4.21
N GLY B 369 -20.97 -7.37 4.25
CA GLY B 369 -21.63 -7.83 5.46
C GLY B 369 -20.69 -8.23 6.59
N LEU B 370 -19.41 -8.43 6.32
CA LEU B 370 -18.43 -8.56 7.39
C LEU B 370 -17.69 -7.28 7.69
N ILE B 371 -17.35 -6.50 6.66
CA ILE B 371 -16.56 -5.29 6.86
C ILE B 371 -17.38 -4.24 7.61
N PHE B 372 -18.62 -4.02 7.19
CA PHE B 372 -19.46 -3.03 7.85
C PHE B 372 -19.93 -3.50 9.21
N ALA B 373 -20.12 -4.80 9.41
CA ALA B 373 -20.51 -5.33 10.70
C ALA B 373 -19.35 -5.41 11.68
N PHE B 374 -18.11 -5.30 11.20
CA PHE B 374 -16.98 -5.11 12.10
C PHE B 374 -16.70 -3.65 12.38
N ALA B 375 -16.93 -2.80 11.38
CA ALA B 375 -16.75 -1.37 11.55
C ALA B 375 -17.74 -0.79 12.55
N ASN B 376 -18.97 -1.30 12.57
CA ASN B 376 -19.89 -0.89 13.62
C ASN B 376 -19.57 -1.52 14.97
N ALA B 377 -18.84 -2.63 14.98
CA ALA B 377 -18.46 -3.21 16.26
C ALA B 377 -17.28 -2.50 16.90
N VAL B 378 -16.45 -1.81 16.12
CA VAL B 378 -15.39 -0.98 16.71
C VAL B 378 -15.78 0.49 16.87
N ALA B 379 -16.75 0.98 16.10
CA ALA B 379 -17.21 2.35 16.30
C ALA B 379 -17.91 2.53 17.62
N VAL B 380 -18.53 1.48 18.17
CA VAL B 380 -19.13 1.59 19.48
C VAL B 380 -18.06 1.72 20.55
N ALA B 381 -16.87 1.17 20.34
CA ALA B 381 -15.78 1.43 21.27
C ALA B 381 -15.26 2.84 21.15
N MET B 382 -15.26 3.39 19.92
CA MET B 382 -14.84 4.78 19.74
C MET B 382 -15.79 5.76 20.43
N TYR B 383 -17.09 5.60 20.21
CA TYR B 383 -18.05 6.54 20.79
C TYR B 383 -18.22 6.40 22.28
N VAL B 384 -17.63 5.39 22.90
CA VAL B 384 -17.69 5.24 24.35
C VAL B 384 -16.37 5.65 25.01
N VAL B 385 -15.22 5.50 24.34
CA VAL B 385 -14.04 6.19 24.89
C VAL B 385 -14.17 7.71 24.74
N GLY B 386 -14.91 8.18 23.74
CA GLY B 386 -15.18 9.60 23.67
C GLY B 386 -16.19 10.05 24.70
N PHE B 387 -17.08 9.15 25.12
CA PHE B 387 -17.97 9.44 26.23
C PHE B 387 -17.23 9.45 27.55
N ALA B 388 -16.23 8.57 27.70
CA ALA B 388 -15.56 8.44 28.99
C ALA B 388 -14.53 9.54 29.21
N GLU B 389 -13.84 9.99 28.16
CA GLU B 389 -12.81 10.98 28.42
C GLU B 389 -13.36 12.38 28.60
N THR B 390 -14.65 12.60 28.37
CA THR B 390 -15.28 13.85 28.78
C THR B 390 -16.01 13.73 30.11
N VAL B 391 -16.12 12.53 30.66
CA VAL B 391 -16.57 12.37 32.04
C VAL B 391 -15.41 12.46 33.01
N VAL B 392 -14.26 11.84 32.68
CA VAL B 392 -13.12 11.94 33.57
C VAL B 392 -12.48 13.32 33.54
N GLU B 393 -12.65 14.08 32.44
CA GLU B 393 -12.16 15.44 32.41
C GLU B 393 -13.16 16.43 32.98
N LEU B 394 -14.36 15.96 33.31
CA LEU B 394 -15.30 16.72 34.12
C LEU B 394 -15.19 16.36 35.60
N LEU B 395 -14.73 15.16 35.91
CA LEU B 395 -14.41 14.78 37.27
C LEU B 395 -13.02 15.23 37.69
N LYS B 396 -12.18 15.66 36.75
CA LYS B 396 -10.94 16.31 37.13
C LYS B 396 -11.22 17.65 37.78
N GLU B 397 -12.21 18.38 37.27
CA GLU B 397 -12.81 19.46 38.04
C GLU B 397 -13.58 18.89 39.21
N HIS B 398 -13.68 19.68 40.28
CA HIS B 398 -14.29 19.31 41.57
C HIS B 398 -13.60 18.12 42.24
N SER B 399 -12.34 17.85 41.88
CA SER B 399 -11.37 17.06 42.66
C SER B 399 -11.85 15.62 42.91
N ILE B 400 -11.96 14.87 41.82
CA ILE B 400 -12.33 13.46 41.89
C ILE B 400 -11.37 12.65 41.05
N LEU B 401 -10.69 11.70 41.68
CA LEU B 401 -9.80 10.77 40.99
C LEU B 401 -10.14 9.35 41.42
N MET B 402 -10.43 8.49 40.45
CA MET B 402 -10.81 7.12 40.77
C MET B 402 -9.59 6.24 41.00
N ILE B 403 -8.76 6.05 39.99
CA ILE B 403 -7.54 5.26 40.12
C ILE B 403 -6.35 6.05 39.62
N ASP B 404 -6.41 6.51 38.38
CA ASP B 404 -5.30 7.22 37.76
C ASP B 404 -5.86 8.23 36.77
N GLU B 405 -5.00 8.73 35.88
CA GLU B 405 -5.43 9.76 34.94
C GLU B 405 -6.20 9.17 33.77
N ILE B 406 -5.70 8.07 33.19
CA ILE B 406 -6.37 7.42 32.08
C ILE B 406 -6.73 5.97 32.39
N ASN B 407 -6.51 5.52 33.62
CA ASN B 407 -6.96 4.18 34.00
C ASN B 407 -8.42 4.17 34.44
N ASP B 408 -8.98 5.32 34.78
CA ASP B 408 -10.40 5.42 35.08
C ASP B 408 -11.26 5.55 33.83
N ILE B 409 -10.65 5.88 32.69
CA ILE B 409 -11.34 5.81 31.41
C ILE B 409 -11.73 4.38 31.11
N ARG B 410 -10.86 3.42 31.45
CA ARG B 410 -11.17 2.02 31.28
C ARG B 410 -12.30 1.57 32.20
N ILE B 411 -12.38 2.15 33.39
CA ILE B 411 -13.44 1.77 34.33
C ILE B 411 -14.79 2.28 33.85
N ILE B 412 -14.84 3.55 33.44
CA ILE B 412 -16.11 4.12 32.99
C ILE B 412 -16.53 3.53 31.65
N GLY B 413 -15.57 3.25 30.77
CA GLY B 413 -15.87 2.53 29.54
C GLY B 413 -16.27 1.09 29.77
N ALA B 414 -15.84 0.48 30.88
CA ALA B 414 -16.34 -0.85 31.21
C ALA B 414 -17.78 -0.78 31.69
N ILE B 415 -18.10 0.16 32.59
CA ILE B 415 -19.46 0.20 33.11
C ILE B 415 -20.44 0.90 32.17
N THR B 416 -19.97 1.46 31.05
CA THR B 416 -20.89 2.06 30.09
C THR B 416 -21.43 1.03 29.10
N VAL B 417 -20.59 0.13 28.62
CA VAL B 417 -21.02 -0.80 27.59
C VAL B 417 -21.94 -1.87 28.18
N VAL B 418 -21.72 -2.22 29.45
CA VAL B 418 -22.58 -3.21 30.07
C VAL B 418 -23.98 -2.66 30.38
N ILE B 419 -24.14 -1.34 30.44
CA ILE B 419 -25.47 -0.76 30.57
C ILE B 419 -25.98 -0.23 29.23
N LEU B 420 -25.18 -0.33 28.17
CA LEU B 420 -25.73 -0.22 26.83
C LEU B 420 -26.22 -1.56 26.29
N LEU B 421 -25.68 -2.67 26.79
CA LEU B 421 -26.29 -3.97 26.49
C LEU B 421 -27.62 -4.15 27.19
N GLY B 422 -27.81 -3.54 28.35
CA GLY B 422 -29.11 -3.57 29.00
C GLY B 422 -30.16 -2.77 28.24
N ILE B 423 -29.74 -1.77 27.49
CA ILE B 423 -30.67 -1.02 26.64
C ILE B 423 -30.89 -1.76 25.33
N SER B 424 -29.84 -2.40 24.80
CA SER B 424 -29.95 -3.05 23.50
C SER B 424 -30.78 -4.33 23.58
N VAL B 425 -30.67 -5.08 24.68
CA VAL B 425 -31.40 -6.34 24.78
C VAL B 425 -32.87 -6.09 25.09
N ALA B 426 -33.15 -5.44 26.23
CA ALA B 426 -34.53 -5.33 26.69
C ALA B 426 -35.28 -4.20 26.00
N GLY B 427 -34.85 -2.96 26.22
CA GLY B 427 -35.65 -1.83 25.84
C GLY B 427 -35.49 -1.36 24.41
N MET B 428 -36.40 -1.79 23.54
CA MET B 428 -36.38 -1.35 22.15
C MET B 428 -37.48 -0.35 21.83
N GLU B 429 -38.58 -0.35 22.59
CA GLU B 429 -39.64 0.63 22.33
C GLU B 429 -39.22 2.03 22.78
N TRP B 430 -38.38 2.12 23.79
CA TRP B 430 -37.90 3.41 24.28
C TRP B 430 -36.70 3.93 23.50
N GLU B 431 -36.17 3.15 22.56
CA GLU B 431 -35.03 3.58 21.77
C GLU B 431 -35.47 4.20 20.44
N ALA B 432 -36.40 3.55 19.75
CA ALA B 432 -36.92 4.10 18.51
C ALA B 432 -37.85 5.27 18.79
N LYS B 433 -38.81 5.08 19.68
CA LYS B 433 -39.60 6.21 20.16
C LYS B 433 -38.77 7.02 21.14
N ALA B 434 -39.14 8.30 21.26
CA ALA B 434 -38.47 9.29 22.12
C ALA B 434 -36.99 9.42 21.79
N GLN B 435 -36.69 9.70 20.53
CA GLN B 435 -35.36 10.11 20.11
C GLN B 435 -35.32 11.51 19.57
N ILE B 436 -36.46 12.13 19.29
CA ILE B 436 -36.47 13.55 18.98
C ILE B 436 -36.16 14.34 20.25
N VAL B 437 -36.56 13.83 21.41
CA VAL B 437 -36.13 14.39 22.68
C VAL B 437 -34.64 14.15 22.89
N LEU B 438 -34.06 13.17 22.21
CA LEU B 438 -32.62 12.92 22.24
C LEU B 438 -31.88 13.71 21.17
N LEU B 439 -32.60 14.46 20.34
CA LEU B 439 -32.00 15.33 19.34
C LEU B 439 -32.26 16.81 19.58
N VAL B 440 -33.38 17.16 20.22
CA VAL B 440 -33.65 18.57 20.48
C VAL B 440 -32.72 19.09 21.58
N ILE B 441 -32.27 18.23 22.50
CA ILE B 441 -31.25 18.64 23.46
C ILE B 441 -29.85 18.62 22.87
N LEU B 442 -29.71 18.22 21.61
CA LEU B 442 -28.46 18.41 20.87
C LEU B 442 -28.51 19.66 20.01
N LEU B 443 -29.67 19.97 19.44
CA LEU B 443 -29.81 21.25 18.75
C LEU B 443 -29.83 22.42 19.73
N LEU B 444 -30.26 22.21 20.97
CA LEU B 444 -30.05 23.24 21.98
C LEU B 444 -28.58 23.38 22.35
N ALA B 445 -27.81 22.30 22.27
CA ALA B 445 -26.37 22.39 22.52
C ALA B 445 -25.65 23.11 21.39
N ILE B 446 -26.15 22.99 20.17
CA ILE B 446 -25.58 23.83 19.11
C ILE B 446 -26.04 25.27 19.29
N GLY B 447 -27.28 25.46 19.75
CA GLY B 447 -27.86 26.79 19.82
C GLY B 447 -27.22 27.67 20.88
N ASP B 448 -27.02 27.13 22.08
CA ASP B 448 -26.39 27.95 23.12
C ASP B 448 -24.89 28.12 22.89
N PHE B 449 -24.27 27.20 22.14
CA PHE B 449 -22.89 27.41 21.73
C PHE B 449 -22.78 28.60 20.78
N VAL B 450 -23.68 28.69 19.80
CA VAL B 450 -23.63 29.84 18.90
C VAL B 450 -24.10 31.11 19.61
N ILE B 451 -25.06 30.99 20.52
CA ILE B 451 -25.52 32.15 21.27
C ILE B 451 -24.57 32.57 22.38
N GLY B 452 -23.54 31.77 22.67
CA GLY B 452 -22.57 32.10 23.70
C GLY B 452 -21.30 32.72 23.15
N THR B 453 -20.93 32.42 21.91
CA THR B 453 -19.74 32.97 21.30
C THR B 453 -19.93 34.38 20.75
N PHE B 454 -21.11 34.98 20.91
CA PHE B 454 -21.28 36.40 20.69
C PHE B 454 -21.19 37.22 21.98
N ILE B 455 -21.27 36.57 23.14
CA ILE B 455 -21.18 37.29 24.39
C ILE B 455 -19.75 37.72 24.66
N PRO B 456 -19.59 38.66 25.59
CA PRO B 456 -18.28 39.18 25.91
C PRO B 456 -17.47 38.19 26.76
N LEU B 457 -17.98 37.87 27.94
CA LEU B 457 -17.36 36.97 28.93
C LEU B 457 -15.93 37.42 29.27
N GLU B 458 -15.88 38.59 29.92
CA GLU B 458 -14.60 39.27 30.16
C GLU B 458 -13.71 38.49 31.11
N SER B 459 -14.28 37.68 31.99
CA SER B 459 -13.48 36.84 32.87
C SER B 459 -13.05 35.54 32.22
N LYS B 460 -13.35 35.34 30.94
CA LYS B 460 -13.01 34.11 30.24
C LYS B 460 -11.91 34.28 29.21
N LYS B 461 -11.56 35.52 28.85
CA LYS B 461 -10.46 35.75 27.91
C LYS B 461 -9.05 35.30 28.32
N PRO B 462 -8.70 35.08 29.61
CA PRO B 462 -7.46 34.34 29.85
C PRO B 462 -7.48 32.91 29.32
N LYS B 463 -8.64 32.29 29.21
CA LYS B 463 -8.71 30.94 28.67
C LYS B 463 -8.74 30.90 27.15
N GLY B 464 -8.52 32.03 26.48
CA GLY B 464 -8.38 32.07 25.04
C GLY B 464 -9.60 32.57 24.29
N PHE B 465 -10.71 32.81 24.97
CA PHE B 465 -11.94 33.22 24.31
C PHE B 465 -11.91 34.70 23.97
N PHE B 466 -12.35 35.03 22.77
CA PHE B 466 -12.42 36.42 22.31
C PHE B 466 -13.68 36.56 21.47
N GLY B 467 -13.76 37.62 20.67
CA GLY B 467 -14.91 37.85 19.83
C GLY B 467 -14.75 37.30 18.44
N TYR B 468 -14.68 38.19 17.44
CA TYR B 468 -14.57 37.81 16.04
C TYR B 468 -13.58 38.71 15.33
N LYS B 469 -12.44 38.96 15.95
CA LYS B 469 -11.51 39.96 15.45
C LYS B 469 -10.76 39.45 14.24
N SER B 470 -10.26 40.38 13.43
CA SER B 470 -9.50 39.99 12.25
C SER B 470 -8.10 39.52 12.59
N GLU B 471 -7.56 39.94 13.73
CA GLU B 471 -6.23 39.52 14.14
C GLU B 471 -6.20 38.04 14.50
N ILE B 472 -7.33 37.49 14.96
CA ILE B 472 -7.38 36.09 15.31
C ILE B 472 -7.81 35.24 14.12
N PHE B 473 -8.56 35.80 13.17
CA PHE B 473 -8.89 35.05 11.96
C PHE B 473 -7.69 34.95 11.04
N ASN B 474 -6.89 36.01 10.95
CA ASN B 474 -5.74 36.00 10.06
C ASN B 474 -4.64 35.11 10.62
N GLU B 475 -4.59 34.93 11.94
CA GLU B 475 -3.60 34.03 12.54
C GLU B 475 -3.99 32.58 12.36
N ASN B 476 -5.25 32.24 12.61
CA ASN B 476 -5.69 30.84 12.58
C ASN B 476 -5.97 30.32 11.17
N PHE B 477 -5.55 31.02 10.12
CA PHE B 477 -5.85 30.59 8.77
C PHE B 477 -4.86 29.54 8.25
N GLY B 478 -3.66 29.48 8.81
CA GLY B 478 -2.66 28.55 8.35
C GLY B 478 -2.35 27.47 9.37
N PRO B 479 -1.69 26.40 8.94
CA PRO B 479 -1.46 25.28 9.84
C PRO B 479 -0.27 25.48 10.77
N ASP B 480 -0.37 24.87 11.94
CA ASP B 480 0.70 24.80 12.94
C ASP B 480 0.79 23.38 13.47
N PHE B 481 0.94 22.43 12.54
CA PHE B 481 0.99 21.00 12.81
C PHE B 481 1.94 20.62 13.93
N ARG B 482 1.45 19.78 14.83
CA ARG B 482 2.12 19.42 16.08
C ARG B 482 3.20 18.38 15.87
N GLU B 483 3.59 17.71 16.96
CA GLU B 483 4.80 16.89 17.01
C GLU B 483 4.78 15.73 16.02
N GLU B 484 3.61 15.22 15.65
CA GLU B 484 3.55 14.15 14.68
C GLU B 484 2.42 14.27 13.66
N GLU B 485 1.42 15.12 13.90
CA GLU B 485 0.23 15.12 13.07
C GLU B 485 0.48 15.84 11.74
N THR B 486 0.01 15.21 10.67
CA THR B 486 0.03 15.75 9.32
C THR B 486 -1.42 15.95 8.86
N PHE B 487 -1.57 16.25 7.57
CA PHE B 487 -2.91 16.52 7.03
C PHE B 487 -3.78 15.27 7.02
N PHE B 488 -3.23 14.15 6.57
CA PHE B 488 -4.03 12.94 6.52
C PHE B 488 -4.20 12.33 7.90
N SER B 489 -3.32 12.67 8.84
CA SER B 489 -3.53 12.25 10.23
C SER B 489 -4.78 12.89 10.83
N VAL B 490 -4.94 14.21 10.69
CA VAL B 490 -6.13 14.86 11.22
C VAL B 490 -7.35 14.53 10.35
N PHE B 491 -7.13 14.18 9.09
CA PHE B 491 -8.24 13.65 8.29
C PHE B 491 -8.72 12.31 8.83
N ALA B 492 -7.79 11.43 9.22
CA ALA B 492 -8.17 10.15 9.80
C ALA B 492 -8.88 10.34 11.13
N ILE B 493 -8.46 11.33 11.90
CA ILE B 493 -9.16 11.65 13.14
C ILE B 493 -10.56 12.17 12.85
N PHE B 494 -10.71 13.00 11.81
CA PHE B 494 -12.01 13.60 11.60
C PHE B 494 -13.02 12.69 10.94
N PHE B 495 -12.59 11.77 10.06
CA PHE B 495 -13.52 11.03 9.20
C PHE B 495 -14.66 10.28 9.89
N PRO B 496 -14.54 9.72 11.12
CA PRO B 496 -15.75 9.17 11.75
C PRO B 496 -16.83 10.18 12.16
N ALA B 497 -16.65 11.47 11.90
CA ALA B 497 -17.70 12.43 12.14
C ALA B 497 -18.67 12.56 10.97
N ALA B 498 -18.42 11.89 9.86
CA ALA B 498 -19.26 12.00 8.67
C ALA B 498 -19.50 10.63 8.07
N THR B 499 -19.91 9.67 8.89
CA THR B 499 -19.83 8.29 8.46
C THR B 499 -21.05 7.41 8.76
N GLY B 500 -22.02 7.86 9.53
CA GLY B 500 -23.13 6.98 9.84
C GLY B 500 -24.31 7.11 8.91
N ILE B 501 -24.05 7.34 7.62
CA ILE B 501 -25.15 7.66 6.69
C ILE B 501 -25.91 6.43 6.23
N LEU B 502 -25.40 5.23 6.50
CA LEU B 502 -26.14 4.02 6.17
C LEU B 502 -27.17 3.65 7.22
N ALA B 503 -27.24 4.38 8.33
CA ALA B 503 -28.24 4.08 9.35
C ALA B 503 -29.64 4.47 8.92
N GLY B 504 -29.76 5.38 7.97
CA GLY B 504 -31.07 5.67 7.40
C GLY B 504 -31.60 4.50 6.60
N ALA B 505 -30.75 3.90 5.77
CA ALA B 505 -31.13 2.73 4.99
C ALA B 505 -30.98 1.44 5.78
N ASN B 506 -30.61 1.50 7.05
CA ASN B 506 -30.43 0.31 7.85
C ASN B 506 -31.75 -0.21 8.40
N ILE B 507 -32.85 0.52 8.17
CA ILE B 507 -34.18 -0.01 8.33
C ILE B 507 -34.88 0.09 6.98
N SER B 508 -35.52 -1.00 6.57
CA SER B 508 -36.44 -0.95 5.45
C SER B 508 -37.69 -1.78 5.68
N GLY B 509 -37.70 -2.67 6.68
CA GLY B 509 -38.91 -3.35 7.09
C GLY B 509 -39.60 -2.63 8.20
N ASP B 510 -39.23 -1.37 8.40
CA ASP B 510 -39.83 -0.53 9.44
C ASP B 510 -40.52 0.71 8.91
N LEU B 511 -40.05 1.28 7.81
CA LEU B 511 -40.69 2.48 7.27
C LEU B 511 -41.50 2.15 6.03
N ALA B 512 -42.52 2.95 5.79
CA ALA B 512 -43.40 2.78 4.64
C ALA B 512 -42.86 3.55 3.46
N ASP B 513 -43.03 2.98 2.26
CA ASP B 513 -42.51 3.43 0.98
C ASP B 513 -41.01 3.66 1.07
N PRO B 514 -40.17 2.62 1.13
CA PRO B 514 -38.73 2.83 1.31
C PRO B 514 -38.03 3.36 0.07
N GLN B 515 -38.68 3.39 -1.09
CA GLN B 515 -38.00 3.82 -2.30
C GLN B 515 -37.83 5.33 -2.34
N SER B 516 -38.88 6.04 -1.96
CA SER B 516 -38.87 7.50 -1.92
C SER B 516 -38.04 8.14 -0.80
N ALA B 517 -38.18 7.59 0.40
CA ALA B 517 -37.51 8.10 1.59
C ALA B 517 -35.99 8.01 1.68
N ILE B 518 -35.43 6.87 1.31
CA ILE B 518 -33.99 6.67 1.44
C ILE B 518 -33.14 7.62 0.63
N PRO B 519 -33.55 7.90 -0.59
CA PRO B 519 -32.79 8.81 -1.45
C PRO B 519 -32.71 10.24 -0.94
N LYS B 520 -33.80 10.79 -0.41
CA LYS B 520 -33.80 12.18 0.06
C LYS B 520 -33.62 12.44 1.56
N GLY B 521 -33.51 11.40 2.36
CA GLY B 521 -33.31 11.56 3.79
C GLY B 521 -31.88 11.23 4.15
N THR B 522 -31.15 10.66 3.19
CA THR B 522 -29.73 10.45 3.32
C THR B 522 -28.95 11.60 2.71
N LEU B 523 -29.33 12.02 1.51
CA LEU B 523 -28.68 13.15 0.84
C LEU B 523 -29.07 14.50 1.43
N LEU B 524 -30.06 14.55 2.32
CA LEU B 524 -30.41 15.80 2.99
C LEU B 524 -29.82 15.90 4.37
N ALA B 525 -29.58 14.79 5.06
CA ALA B 525 -28.87 14.84 6.34
C ALA B 525 -27.41 15.23 6.15
N ILE B 526 -26.82 14.88 5.02
CA ILE B 526 -25.45 15.28 4.72
C ILE B 526 -25.38 16.78 4.47
N LEU B 527 -26.40 17.33 3.81
CA LEU B 527 -26.41 18.76 3.52
C LEU B 527 -26.62 19.59 4.78
N ILE B 528 -27.33 19.05 5.77
CA ILE B 528 -27.45 19.74 7.04
C ILE B 528 -26.15 19.63 7.83
N THR B 529 -25.58 18.44 7.88
CA THR B 529 -24.46 18.18 8.77
C THR B 529 -23.16 18.81 8.29
N THR B 530 -22.93 18.82 6.97
CA THR B 530 -21.75 19.51 6.46
C THR B 530 -21.86 21.03 6.65
N LEU B 531 -23.05 21.59 6.48
CA LEU B 531 -23.22 23.01 6.72
C LEU B 531 -23.30 23.35 8.21
N VAL B 532 -23.34 22.37 9.09
CA VAL B 532 -23.11 22.61 10.51
C VAL B 532 -21.63 22.47 10.86
N TYR B 533 -20.93 21.50 10.26
CA TYR B 533 -19.50 21.34 10.50
C TYR B 533 -18.69 22.54 10.01
N VAL B 534 -19.06 23.12 8.86
CA VAL B 534 -18.32 24.28 8.36
C VAL B 534 -18.63 25.50 9.21
N GLY B 535 -19.89 25.67 9.59
CA GLY B 535 -20.28 26.79 10.44
C GLY B 535 -19.76 26.72 11.85
N ILE B 536 -19.41 25.53 12.32
CA ILE B 536 -18.78 25.40 13.64
C ILE B 536 -17.26 25.57 13.53
N ALA B 537 -16.63 25.00 12.49
CA ALA B 537 -15.18 25.09 12.36
C ALA B 537 -14.72 26.51 12.09
N VAL B 538 -15.44 27.25 11.24
CA VAL B 538 -15.04 28.63 10.96
C VAL B 538 -15.36 29.54 12.15
N SER B 539 -16.42 29.23 12.91
CA SER B 539 -16.75 30.08 14.06
C SER B 539 -15.75 29.87 15.20
N VAL B 540 -15.49 28.61 15.57
CA VAL B 540 -14.57 28.37 16.69
C VAL B 540 -13.12 28.60 16.26
N GLY B 541 -12.84 28.64 14.96
CA GLY B 541 -11.49 28.96 14.55
C GLY B 541 -11.20 30.44 14.57
N SER B 542 -12.21 31.27 14.32
CA SER B 542 -12.05 32.72 14.30
C SER B 542 -12.39 33.36 15.63
N CYS B 543 -12.37 32.60 16.73
CA CYS B 543 -12.83 33.12 18.01
C CYS B 543 -11.87 32.84 19.16
N VAL B 544 -11.16 31.72 19.10
CA VAL B 544 -10.30 31.28 20.20
C VAL B 544 -8.90 31.09 19.64
N VAL B 545 -7.90 31.67 20.33
CA VAL B 545 -6.51 31.66 19.87
C VAL B 545 -5.82 30.43 20.42
N ARG B 546 -4.93 29.85 19.61
CA ARG B 546 -4.20 28.66 20.02
C ARG B 546 -3.06 29.04 20.95
N ASP B 547 -2.79 28.15 21.91
CA ASP B 547 -1.67 28.22 22.86
C ASP B 547 -1.71 29.52 23.69
N ALA B 548 -2.71 29.59 24.56
CA ALA B 548 -2.85 30.70 25.50
C ALA B 548 -3.32 30.16 26.85
N THR B 549 -2.51 30.37 27.88
CA THR B 549 -2.84 29.90 29.22
C THR B 549 -3.61 30.94 30.00
N GLY B 550 -4.26 30.49 31.07
CA GLY B 550 -5.14 31.34 31.85
C GLY B 550 -4.55 31.81 33.17
N ASN B 551 -4.19 33.08 33.24
CA ASN B 551 -3.60 33.67 34.44
C ASN B 551 -3.83 35.18 34.39
N VAL B 552 -3.10 35.92 35.22
CA VAL B 552 -3.16 37.37 35.23
C VAL B 552 -2.06 37.92 34.32
N ASN B 553 -2.46 38.68 33.29
CA ASN B 553 -1.51 39.22 32.33
C ASN B 553 -2.08 40.49 31.74
N ASP B 554 -1.20 41.26 31.08
CA ASP B 554 -1.58 42.51 30.47
C ASP B 554 -0.68 42.77 29.28
N THR B 555 -1.07 43.73 28.44
CA THR B 555 -0.31 44.03 27.24
C THR B 555 0.86 44.96 27.53
N ILE B 556 0.57 46.18 27.99
CA ILE B 556 1.61 47.17 28.23
C ILE B 556 1.18 48.17 29.31
N ASP B 573 4.74 39.59 18.18
CA ASP B 573 3.49 40.19 17.73
C ASP B 573 2.57 39.14 17.11
N PHE B 574 2.08 38.22 17.95
CA PHE B 574 1.22 37.13 17.49
C PHE B 574 -0.25 37.42 17.80
N SER B 575 -0.59 37.58 19.08
CA SER B 575 -1.98 37.85 19.44
C SER B 575 -2.37 39.29 19.13
N SER B 576 -1.45 40.23 19.41
CA SER B 576 -1.65 41.68 19.25
C SER B 576 -2.88 42.18 20.00
N CYS B 577 -3.11 41.62 21.18
CA CYS B 577 -4.29 41.96 21.97
C CYS B 577 -3.86 42.37 23.37
N GLU B 578 -4.83 42.50 24.28
CA GLU B 578 -4.54 43.01 25.62
C GLU B 578 -3.81 42.02 26.51
N SER B 579 -3.70 40.76 26.11
CA SER B 579 -3.02 39.74 26.89
C SER B 579 -1.75 39.28 26.19
N SER B 580 -0.86 38.66 26.96
CA SER B 580 0.39 38.17 26.44
C SER B 580 0.78 36.88 27.17
N PRO B 581 1.26 35.89 26.42
CA PRO B 581 1.58 34.58 26.95
C PRO B 581 2.95 34.14 26.46
N CYS B 582 3.35 32.93 26.85
CA CYS B 582 4.63 32.36 26.47
C CYS B 582 4.41 31.12 25.61
N SER B 583 5.42 30.77 24.83
CA SER B 583 5.33 29.63 23.92
C SER B 583 5.50 28.31 24.68
N TYR B 584 6.65 28.14 25.33
CA TYR B 584 6.97 26.90 26.03
C TYR B 584 6.16 26.77 27.32
N LEU B 586 1.14 25.32 28.34
CA LEU B 586 -0.21 25.84 28.49
C LEU B 586 -1.19 24.74 28.86
N MET B 587 -2.26 25.10 29.56
CA MET B 587 -3.26 24.12 29.97
C MET B 587 -4.67 24.48 29.54
N ASN B 588 -5.04 25.76 29.60
CA ASN B 588 -6.37 26.23 29.20
C ASN B 588 -6.34 26.82 27.80
N ASN B 589 -5.56 26.23 26.91
CA ASN B 589 -5.35 26.76 25.57
C ASN B 589 -6.36 26.16 24.61
N PHE B 590 -6.09 26.26 23.31
CA PHE B 590 -6.96 25.76 22.26
C PHE B 590 -6.45 24.50 21.60
N GLN B 591 -5.16 24.18 21.74
CA GLN B 591 -4.60 22.95 21.22
C GLN B 591 -4.17 21.98 22.30
N VAL B 592 -4.32 22.32 23.58
CA VAL B 592 -3.91 21.40 24.64
C VAL B 592 -5.09 20.88 25.45
N MET B 593 -6.25 21.53 25.42
CA MET B 593 -7.45 20.99 26.01
C MET B 593 -8.47 20.76 24.91
N SER B 594 -9.23 19.68 25.04
CA SER B 594 -10.06 19.21 23.96
C SER B 594 -11.49 19.74 24.00
N MET B 595 -11.92 20.29 25.13
CA MET B 595 -13.31 20.73 25.30
C MET B 595 -13.34 22.25 25.43
N VAL B 596 -13.71 22.93 24.36
CA VAL B 596 -13.96 24.37 24.42
C VAL B 596 -15.46 24.60 24.56
N SER B 597 -15.82 25.63 25.31
CA SER B 597 -17.21 25.91 25.63
C SER B 597 -17.38 27.40 25.80
N GLY B 598 -18.39 27.96 25.13
CA GLY B 598 -18.73 29.35 25.29
C GLY B 598 -19.32 29.64 26.66
N PHE B 599 -20.52 29.12 26.91
CA PHE B 599 -21.21 29.32 28.19
C PHE B 599 -22.26 28.23 28.34
N THR B 600 -22.98 28.27 29.49
CA THR B 600 -24.14 27.46 29.83
C THR B 600 -23.84 25.97 29.70
N PRO B 601 -23.26 25.35 30.74
CA PRO B 601 -22.54 24.07 30.58
C PRO B 601 -23.39 22.82 30.31
N LEU B 602 -24.63 22.98 29.84
CA LEU B 602 -25.40 21.85 29.31
C LEU B 602 -24.83 21.29 28.00
N ILE B 603 -23.73 21.83 27.48
CA ILE B 603 -22.89 21.14 26.51
C ILE B 603 -22.41 19.82 27.09
N SER B 604 -22.18 19.76 28.40
CA SER B 604 -21.91 18.49 29.06
C SER B 604 -23.08 17.53 28.95
N ALA B 605 -24.31 18.05 28.89
CA ALA B 605 -25.45 17.23 28.52
C ALA B 605 -25.53 17.01 27.01
N GLY B 606 -25.01 17.95 26.21
CA GLY B 606 -24.99 17.79 24.77
C GLY B 606 -24.03 16.73 24.29
N ILE B 607 -23.04 16.36 25.12
CA ILE B 607 -22.26 15.16 24.85
C ILE B 607 -23.07 13.92 25.15
N PHE B 608 -23.89 13.99 26.20
CA PHE B 608 -24.58 12.80 26.71
C PHE B 608 -25.65 12.31 25.76
N SER B 609 -26.09 13.14 24.83
CA SER B 609 -27.00 12.75 23.78
C SER B 609 -26.35 12.60 22.43
N ALA B 610 -25.09 13.02 22.27
CA ALA B 610 -24.40 12.88 21.00
C ALA B 610 -23.51 11.65 20.93
N THR B 611 -23.07 11.14 22.07
CA THR B 611 -22.17 9.99 22.09
C THR B 611 -22.83 8.72 22.56
N LEU B 612 -23.84 8.80 23.42
CA LEU B 612 -24.55 7.59 23.81
C LEU B 612 -25.53 7.15 22.73
N SER B 613 -26.13 8.11 22.02
CA SER B 613 -27.11 7.77 21.00
C SER B 613 -26.45 7.15 19.79
N SER B 614 -25.32 7.70 19.36
CA SER B 614 -24.61 7.14 18.23
C SER B 614 -23.88 5.85 18.57
N ALA B 615 -23.60 5.60 19.84
CA ALA B 615 -23.03 4.30 20.23
C ALA B 615 -24.12 3.25 20.37
N LEU B 616 -25.33 3.66 20.76
CA LEU B 616 -26.44 2.71 20.84
C LEU B 616 -26.90 2.31 19.45
N ALA B 617 -26.84 3.23 18.50
CA ALA B 617 -27.24 2.93 17.13
C ALA B 617 -26.20 2.13 16.38
N SER B 618 -24.98 1.99 16.91
CA SER B 618 -23.97 1.13 16.33
C SER B 618 -23.71 -0.11 17.18
N LEU B 619 -24.49 -0.31 18.23
CA LEU B 619 -24.48 -1.57 18.98
C LEU B 619 -25.67 -2.44 18.62
N VAL B 620 -26.80 -1.84 18.25
CA VAL B 620 -27.93 -2.60 17.76
C VAL B 620 -27.75 -2.99 16.30
N SER B 621 -26.83 -2.34 15.58
CA SER B 621 -26.75 -2.48 14.14
C SER B 621 -25.67 -3.44 13.66
N ALA B 622 -24.71 -3.78 14.51
CA ALA B 622 -23.71 -4.74 14.03
C ALA B 622 -24.21 -6.19 14.12
N PRO B 623 -24.84 -6.68 15.24
CA PRO B 623 -25.29 -8.07 15.19
C PRO B 623 -26.55 -8.27 14.39
N LYS B 624 -27.37 -7.23 14.20
CA LYS B 624 -28.53 -7.44 13.35
C LYS B 624 -28.20 -7.40 11.86
N ILE B 625 -26.97 -7.04 11.48
CA ILE B 625 -26.46 -7.30 10.14
C ILE B 625 -25.75 -8.64 10.08
N PHE B 626 -24.93 -8.92 11.09
CA PHE B 626 -24.17 -10.17 11.12
C PHE B 626 -25.06 -11.39 11.27
N GLN B 627 -26.24 -11.23 11.88
CA GLN B 627 -27.19 -12.34 11.98
C GLN B 627 -27.75 -12.70 10.62
N ALA B 628 -28.17 -11.71 9.83
CA ALA B 628 -28.68 -12.00 8.49
C ALA B 628 -27.59 -12.52 7.57
N LEU B 629 -26.34 -12.09 7.81
CA LEU B 629 -25.21 -12.69 7.11
C LEU B 629 -25.04 -14.16 7.45
N CYS B 630 -25.19 -14.51 8.71
CA CYS B 630 -25.07 -15.91 9.13
C CYS B 630 -26.36 -16.70 8.93
N LYS B 631 -27.43 -16.04 8.49
CA LYS B 631 -28.66 -16.72 8.08
C LYS B 631 -28.65 -17.07 6.60
N ASP B 632 -27.97 -16.28 5.77
CA ASP B 632 -27.78 -16.71 4.39
C ASP B 632 -26.78 -17.84 4.27
N ASN B 633 -25.99 -18.09 5.32
CA ASN B 633 -25.04 -19.21 5.41
C ASN B 633 -24.00 -19.15 4.30
N ILE B 634 -23.58 -17.93 3.97
CA ILE B 634 -22.51 -17.76 2.99
C ILE B 634 -21.18 -18.27 3.57
N TYR B 635 -20.91 -17.92 4.81
CA TYR B 635 -19.68 -18.36 5.47
C TYR B 635 -20.02 -19.44 6.48
N PRO B 636 -19.68 -20.70 6.21
CA PRO B 636 -20.18 -21.80 7.06
C PRO B 636 -19.53 -21.88 8.42
N ALA B 637 -18.38 -21.23 8.63
CA ALA B 637 -17.76 -21.26 9.95
C ALA B 637 -18.49 -20.36 10.95
N PHE B 638 -19.36 -19.48 10.47
CA PHE B 638 -20.02 -18.50 11.32
C PHE B 638 -21.46 -18.87 11.64
N GLN B 639 -21.87 -20.12 11.37
CA GLN B 639 -23.27 -20.51 11.46
C GLN B 639 -23.80 -20.58 12.89
N MET B 640 -22.94 -20.41 13.90
CA MET B 640 -23.42 -20.30 15.27
C MET B 640 -24.23 -19.03 15.47
N PHE B 641 -23.80 -17.93 14.84
CA PHE B 641 -24.33 -16.61 15.15
C PHE B 641 -25.59 -16.28 14.37
N ALA B 642 -26.59 -17.17 14.45
CA ALA B 642 -27.91 -16.91 13.89
C ALA B 642 -29.04 -17.27 14.82
N LYS B 643 -28.83 -18.12 15.81
CA LYS B 643 -29.87 -18.50 16.75
C LYS B 643 -29.95 -17.48 17.87
N GLY B 644 -31.16 -16.96 18.11
CA GLY B 644 -31.35 -15.97 19.15
C GLY B 644 -32.56 -16.26 20.01
N TYR B 645 -32.93 -15.30 20.86
CA TYR B 645 -34.10 -15.44 21.72
C TYR B 645 -35.35 -15.02 20.95
N ASN B 648 -38.57 -12.80 19.51
CA ASN B 648 -38.65 -11.58 18.69
C ASN B 648 -37.39 -11.35 17.86
N ASN B 649 -36.70 -12.44 17.52
CA ASN B 649 -35.56 -12.47 16.59
C ASN B 649 -34.42 -11.56 17.04
N GLU B 650 -34.09 -11.62 18.33
CA GLU B 650 -32.99 -10.83 18.88
C GLU B 650 -31.77 -11.70 19.03
N PRO B 651 -30.66 -11.40 18.35
CA PRO B 651 -29.44 -12.22 18.50
C PRO B 651 -28.70 -11.88 19.79
N LEU B 652 -28.80 -12.77 20.77
CA LEU B 652 -28.11 -12.54 22.03
C LEU B 652 -26.70 -13.09 22.05
N ARG B 653 -26.40 -14.08 21.21
CA ARG B 653 -25.03 -14.58 21.13
C ARG B 653 -24.18 -13.84 20.11
N GLY B 654 -24.73 -12.80 19.48
CA GLY B 654 -23.94 -11.89 18.68
C GLY B 654 -23.63 -10.62 19.46
N TYR B 655 -24.50 -10.34 20.44
CA TYR B 655 -24.24 -9.26 21.38
C TYR B 655 -23.01 -9.54 22.22
N ILE B 656 -22.75 -10.81 22.53
CA ILE B 656 -21.55 -11.17 23.27
C ILE B 656 -20.31 -10.97 22.42
N LEU B 657 -20.41 -11.25 21.11
CA LEU B 657 -19.28 -11.06 20.23
C LEU B 657 -18.96 -9.58 20.03
N THR B 658 -19.98 -8.76 19.78
CA THR B 658 -19.70 -7.33 19.65
C THR B 658 -19.38 -6.68 20.97
N PHE B 659 -19.78 -7.28 22.09
CA PHE B 659 -19.35 -6.79 23.38
C PHE B 659 -17.87 -7.09 23.60
N LEU B 660 -17.42 -8.27 23.19
CA LEU B 660 -16.00 -8.58 23.32
C LEU B 660 -15.14 -7.75 22.36
N ILE B 661 -15.65 -7.43 21.18
CA ILE B 661 -14.88 -6.59 20.26
C ILE B 661 -14.80 -5.16 20.79
N ALA B 662 -15.91 -4.63 21.30
CA ALA B 662 -15.91 -3.29 21.88
C ALA B 662 -15.05 -3.23 23.14
N LEU B 663 -15.09 -4.28 23.96
CA LEU B 663 -14.29 -4.31 25.17
C LEU B 663 -12.81 -4.50 24.85
N GLY B 664 -12.49 -5.16 23.75
CA GLY B 664 -11.10 -5.26 23.35
C GLY B 664 -10.56 -3.93 22.84
N PHE B 665 -11.31 -3.26 21.99
CA PHE B 665 -10.87 -1.97 21.47
C PHE B 665 -11.16 -0.81 22.39
N ILE B 666 -11.74 -1.04 23.57
CA ILE B 666 -12.02 0.04 24.50
C ILE B 666 -10.91 0.18 25.55
N LEU B 667 -10.07 -0.85 25.73
CA LEU B 667 -9.09 -0.80 26.79
C LEU B 667 -7.90 0.08 26.43
N ILE B 668 -7.65 0.28 25.14
CA ILE B 668 -6.80 1.38 24.73
C ILE B 668 -7.61 2.67 24.88
N ALA B 669 -7.15 3.54 25.77
CA ALA B 669 -7.95 4.67 26.24
C ALA B 669 -7.55 5.97 25.58
N GLU B 670 -7.17 5.94 24.31
CA GLU B 670 -6.87 7.15 23.57
C GLU B 670 -7.77 7.20 22.35
N LEU B 671 -8.48 8.31 22.18
CA LEU B 671 -9.40 8.45 21.06
C LEU B 671 -8.66 8.64 19.75
N ASN B 672 -7.49 9.29 19.80
CA ASN B 672 -6.71 9.55 18.59
C ASN B 672 -6.00 8.32 18.07
N VAL B 673 -5.97 7.24 18.84
CA VAL B 673 -5.47 5.97 18.34
C VAL B 673 -6.60 5.16 17.71
N ILE B 674 -7.80 5.24 18.30
CA ILE B 674 -8.92 4.43 17.85
C ILE B 674 -9.53 4.99 16.57
N ALA B 675 -9.61 6.32 16.43
CA ALA B 675 -10.25 6.91 15.25
C ALA B 675 -9.63 6.57 13.88
N PRO B 676 -8.32 6.38 13.71
CA PRO B 676 -7.86 5.90 12.38
C PRO B 676 -8.30 4.49 12.03
N ILE B 677 -8.39 3.57 13.00
CA ILE B 677 -8.86 2.24 12.67
C ILE B 677 -10.38 2.13 12.70
N ILE B 678 -11.10 3.23 12.87
CA ILE B 678 -12.51 3.31 12.49
C ILE B 678 -12.63 3.83 11.07
N SER B 679 -11.85 4.88 10.76
CA SER B 679 -11.80 5.46 9.43
C SER B 679 -11.14 4.56 8.42
N ASN B 680 -10.51 3.47 8.85
CA ASN B 680 -10.03 2.45 7.93
C ASN B 680 -11.19 1.60 7.43
N PHE B 681 -11.95 1.00 8.36
CA PHE B 681 -12.99 0.07 7.96
C PHE B 681 -14.21 0.75 7.36
N PHE B 682 -14.50 1.99 7.76
CA PHE B 682 -15.60 2.70 7.09
C PHE B 682 -15.25 3.06 5.66
N LEU B 683 -13.99 3.34 5.36
CA LEU B 683 -13.60 3.49 3.97
C LEU B 683 -13.49 2.17 3.25
N ALA B 684 -13.19 1.08 3.95
CA ALA B 684 -13.13 -0.22 3.32
C ALA B 684 -14.51 -0.81 3.05
N SER B 685 -15.56 -0.27 3.67
CA SER B 685 -16.91 -0.64 3.26
C SER B 685 -17.50 0.32 2.25
N TYR B 686 -17.14 1.60 2.30
CA TYR B 686 -17.66 2.51 1.29
C TYR B 686 -17.01 2.31 -0.06
N ALA B 687 -15.76 1.83 -0.10
CA ALA B 687 -15.14 1.49 -1.36
C ALA B 687 -15.78 0.28 -1.99
N LEU B 688 -16.20 -0.69 -1.18
CA LEU B 688 -16.84 -1.87 -1.72
C LEU B 688 -18.24 -1.57 -2.22
N ILE B 689 -18.97 -0.66 -1.57
CA ILE B 689 -20.26 -0.24 -2.11
C ILE B 689 -20.07 0.51 -3.43
N ASN B 690 -19.15 1.49 -3.45
CA ASN B 690 -18.94 2.31 -4.64
C ASN B 690 -18.32 1.54 -5.79
N PHE B 691 -17.69 0.40 -5.52
CA PHE B 691 -17.17 -0.42 -6.60
C PHE B 691 -18.12 -1.53 -7.01
N SER B 692 -18.92 -2.07 -6.09
CA SER B 692 -19.87 -3.10 -6.49
C SER B 692 -21.01 -2.54 -7.32
N VAL B 693 -21.38 -1.27 -7.09
CA VAL B 693 -22.39 -0.67 -7.95
C VAL B 693 -21.84 -0.43 -9.36
N PHE B 694 -20.55 -0.04 -9.46
CA PHE B 694 -19.92 0.07 -10.77
C PHE B 694 -19.80 -1.29 -11.46
N HIS B 695 -19.50 -2.33 -10.69
CA HIS B 695 -19.36 -3.66 -11.27
C HIS B 695 -20.69 -4.23 -11.72
N ALA B 696 -21.79 -3.89 -11.04
CA ALA B 696 -23.09 -4.24 -11.58
C ALA B 696 -23.49 -3.36 -12.75
N SER B 697 -22.96 -2.14 -12.82
CA SER B 697 -23.19 -1.30 -13.99
C SER B 697 -22.44 -1.80 -15.21
N LEU B 698 -21.37 -2.57 -15.02
CA LEU B 698 -20.60 -3.07 -16.14
C LEU B 698 -20.95 -4.51 -16.50
N ALA B 699 -21.21 -5.36 -15.49
CA ALA B 699 -21.70 -6.72 -15.71
C ALA B 699 -23.21 -6.71 -15.54
N LYS B 700 -23.92 -6.42 -16.62
CA LYS B 700 -25.36 -6.15 -16.57
C LYS B 700 -26.19 -7.38 -16.22
N TRP B 704 -30.55 -6.00 -12.16
CA TRP B 704 -30.10 -4.74 -11.59
C TRP B 704 -30.36 -3.59 -12.56
N ARG B 705 -31.37 -2.77 -12.27
CA ARG B 705 -31.63 -1.55 -12.99
C ARG B 705 -31.67 -0.38 -12.02
N PRO B 706 -30.91 0.69 -12.23
CA PRO B 706 -30.69 1.65 -11.14
C PRO B 706 -31.90 2.53 -10.83
N ALA B 707 -32.66 2.94 -11.85
CA ALA B 707 -33.89 3.72 -11.73
C ALA B 707 -33.69 5.07 -11.05
N PHE B 708 -32.51 5.68 -11.24
CA PHE B 708 -32.27 7.12 -11.09
C PHE B 708 -32.53 7.62 -9.66
N LYS B 709 -31.58 7.32 -8.78
CA LYS B 709 -31.51 8.01 -7.48
C LYS B 709 -30.67 9.29 -7.60
N TYR B 710 -30.99 10.07 -8.64
CA TYR B 710 -30.52 11.38 -9.08
C TYR B 710 -29.11 11.39 -9.65
N TYR B 711 -28.33 10.33 -9.38
CA TYR B 711 -27.04 10.09 -10.03
C TYR B 711 -26.68 8.63 -9.77
N ASN B 712 -26.69 7.80 -10.79
CA ASN B 712 -26.25 6.42 -10.62
C ASN B 712 -25.29 6.04 -11.74
N MET B 713 -24.45 6.99 -12.15
CA MET B 713 -23.58 6.81 -13.32
C MET B 713 -22.36 5.98 -12.94
N TRP B 714 -21.36 5.96 -13.83
CA TRP B 714 -20.07 5.37 -13.54
C TRP B 714 -19.07 6.39 -13.00
N ILE B 715 -19.55 7.49 -12.41
CA ILE B 715 -18.71 8.36 -11.61
C ILE B 715 -18.52 7.79 -10.21
N SER B 716 -19.28 6.76 -9.84
CA SER B 716 -19.09 6.09 -8.56
C SER B 716 -17.73 5.40 -8.50
N LEU B 717 -17.19 4.99 -9.65
CA LEU B 717 -15.81 4.51 -9.75
C LEU B 717 -14.82 5.54 -9.20
N LEU B 718 -15.06 6.82 -9.48
CA LEU B 718 -14.24 7.88 -8.89
C LEU B 718 -14.43 7.95 -7.39
N GLY B 719 -15.62 7.59 -6.90
CA GLY B 719 -15.79 7.47 -5.47
C GLY B 719 -15.27 6.20 -4.88
N ALA B 720 -14.84 5.25 -5.71
CA ALA B 720 -14.18 4.04 -5.23
C ALA B 720 -12.67 4.12 -5.37
N ILE B 721 -12.15 5.09 -6.12
CA ILE B 721 -10.72 5.35 -6.11
C ILE B 721 -10.36 6.23 -4.92
N LEU B 722 -11.13 7.28 -4.66
CA LEU B 722 -10.88 8.17 -3.52
C LEU B 722 -11.07 7.48 -2.18
N CYS B 723 -11.87 6.42 -2.10
CA CYS B 723 -11.90 5.64 -0.89
C CYS B 723 -10.75 4.65 -0.80
N CYS B 724 -9.95 4.51 -1.86
CA CYS B 724 -8.88 3.52 -1.90
C CYS B 724 -7.52 4.14 -1.62
N ILE B 725 -7.15 5.20 -2.35
CA ILE B 725 -5.82 5.76 -2.18
C ILE B 725 -5.72 6.54 -0.87
N VAL B 726 -6.83 7.11 -0.40
CA VAL B 726 -6.83 7.80 0.88
C VAL B 726 -6.86 6.80 2.03
N MET B 727 -7.37 5.59 1.79
CA MET B 727 -7.27 4.56 2.80
C MET B 727 -5.85 3.99 2.89
N PHE B 728 -5.05 4.12 1.83
CA PHE B 728 -3.65 3.69 1.88
C PHE B 728 -2.69 4.76 2.35
N VAL B 729 -2.99 6.05 2.13
CA VAL B 729 -2.16 7.11 2.69
C VAL B 729 -2.19 7.07 4.21
N ILE B 730 -3.35 6.76 4.76
CA ILE B 730 -3.52 6.53 6.20
C ILE B 730 -3.19 5.06 6.45
N ASN B 731 -1.97 4.79 6.95
CA ASN B 731 -1.58 3.49 7.51
C ASN B 731 -1.69 2.36 6.47
N TRP B 732 -0.76 2.41 5.49
CA TRP B 732 -0.81 1.54 4.31
C TRP B 732 -0.79 0.06 4.65
N TRP B 733 -0.11 -0.35 5.72
CA TRP B 733 -0.06 -1.77 6.03
C TRP B 733 -1.35 -2.28 6.67
N ALA B 734 -2.28 -1.39 7.03
CA ALA B 734 -3.60 -1.80 7.48
C ALA B 734 -4.65 -1.71 6.38
N ALA B 735 -4.35 -1.03 5.28
CA ALA B 735 -5.21 -1.09 4.10
C ALA B 735 -4.84 -2.25 3.19
N LEU B 736 -3.55 -2.60 3.11
CA LEU B 736 -3.13 -3.80 2.40
C LEU B 736 -3.77 -5.04 3.01
N LEU B 737 -3.75 -5.13 4.34
CA LEU B 737 -4.28 -6.30 5.02
C LEU B 737 -5.79 -6.43 4.82
N THR B 738 -6.51 -5.32 4.83
CA THR B 738 -7.94 -5.43 4.64
C THR B 738 -8.33 -5.59 3.17
N TYR B 739 -7.48 -5.22 2.23
CA TYR B 739 -7.79 -5.55 0.84
C TYR B 739 -7.41 -6.97 0.47
N VAL B 740 -6.41 -7.56 1.14
CA VAL B 740 -6.20 -8.99 1.00
C VAL B 740 -7.35 -9.78 1.63
N ILE B 741 -7.90 -9.28 2.75
CA ILE B 741 -9.07 -9.94 3.36
C ILE B 741 -10.28 -9.86 2.46
N VAL B 742 -10.60 -8.68 1.91
CA VAL B 742 -11.78 -8.57 1.08
C VAL B 742 -11.58 -9.10 -0.33
N LEU B 743 -10.36 -9.46 -0.72
CA LEU B 743 -10.22 -10.23 -1.96
C LEU B 743 -10.28 -11.72 -1.70
N GLY B 744 -9.79 -12.18 -0.55
CA GLY B 744 -9.95 -13.58 -0.20
C GLY B 744 -11.38 -13.97 0.09
N LEU B 745 -12.14 -13.06 0.69
CA LEU B 745 -13.55 -13.30 0.92
C LEU B 745 -14.41 -13.07 -0.32
N TYR B 746 -13.82 -12.58 -1.40
CA TYR B 746 -14.48 -12.56 -2.68
C TYR B 746 -14.23 -13.86 -3.44
N ILE B 747 -12.98 -14.32 -3.44
CA ILE B 747 -12.64 -15.54 -4.17
C ILE B 747 -13.21 -16.78 -3.47
N TYR B 748 -13.30 -16.77 -2.14
CA TYR B 748 -13.93 -17.89 -1.45
C TYR B 748 -15.42 -17.99 -1.75
N VAL B 749 -16.09 -16.86 -1.94
CA VAL B 749 -17.53 -16.92 -2.17
C VAL B 749 -17.84 -17.24 -3.62
N THR B 750 -17.07 -16.69 -4.57
CA THR B 750 -17.41 -16.94 -5.97
C THR B 750 -17.08 -18.37 -6.41
N TYR B 751 -16.04 -18.98 -5.85
CA TYR B 751 -15.77 -20.40 -6.14
C TYR B 751 -16.14 -21.28 -4.94
N LYS B 752 -17.44 -21.38 -4.68
CA LYS B 752 -17.94 -22.43 -3.80
C LYS B 752 -19.22 -23.01 -4.38
N LYS B 753 -19.50 -24.25 -4.01
CA LYS B 753 -20.60 -25.02 -4.60
C LYS B 753 -21.88 -24.73 -3.83
N PRO B 754 -22.84 -24.12 -4.51
CA PRO B 754 -24.14 -23.82 -3.90
C PRO B 754 -25.22 -23.77 -4.97
C1 PLM C . -14.88 -10.55 -12.61
O1 PLM C . -15.34 -10.47 -13.77
O2 PLM C . -15.11 -11.40 -11.70
C2 PLM C . -13.86 -9.41 -12.24
C3 PLM C . -14.19 -8.62 -10.98
C4 PLM C . -12.97 -8.21 -10.16
C5 PLM C . -13.27 -8.00 -8.67
C6 PLM C . -12.12 -8.39 -7.74
C7 PLM C . -12.35 -8.00 -6.28
C8 PLM C . -12.31 -6.49 -6.03
C9 PLM C . -11.83 -6.11 -4.63
CA PLM C . -10.51 -6.76 -4.24
CB PLM C . -9.42 -5.77 -3.82
CC PLM C . -9.06 -4.74 -4.89
CD PLM C . -7.72 -4.03 -4.64
CE PLM C . -7.56 -2.71 -5.39
CF PLM C . -6.12 -2.21 -5.48
CG PLM C . -5.33 -2.35 -4.17
C1 PLM D . -11.27 -22.49 -0.99
O1 PLM D . -10.91 -22.76 0.19
O2 PLM D . -12.24 -22.96 -1.64
C2 PLM D . -10.38 -21.43 -1.71
C3 PLM D . -9.92 -20.24 -0.87
C4 PLM D . -9.40 -19.05 -1.68
C5 PLM D . -8.42 -18.15 -0.93
C6 PLM D . -7.90 -16.98 -1.77
C7 PLM D . -6.88 -16.11 -1.03
C8 PLM D . -6.40 -14.88 -1.82
C9 PLM D . -5.36 -14.05 -1.08
CA PLM D . -5.02 -12.72 -1.75
CB PLM D . -4.12 -12.86 -2.98
CC PLM D . -3.42 -11.56 -3.36
CD PLM D . -2.32 -11.75 -4.41
CE PLM D . -2.22 -10.59 -5.41
CF PLM D . -2.00 -11.07 -6.85
CG PLM D . -2.23 -9.97 -7.89
C1 PLM E . -13.49 -14.15 -11.04
O1 PLM E . -13.80 -15.06 -10.25
O2 PLM E . -13.86 -13.96 -12.22
C2 PLM E . -12.47 -13.10 -10.45
C3 PLM E . -11.48 -13.64 -9.43
C4 PLM E . -10.49 -12.60 -8.91
C5 PLM E . -9.67 -11.92 -10.02
C6 PLM E . -8.98 -10.63 -9.59
C7 PLM E . -7.46 -10.63 -9.84
C8 PLM E . -6.89 -9.25 -10.15
C9 PLM E . -5.76 -8.83 -9.21
CA PLM E . -5.55 -7.31 -9.16
CB PLM E . -4.71 -6.84 -7.97
CC PLM E . -5.07 -7.50 -6.64
CD PLM E . -4.55 -6.71 -5.43
CE PLM E . -4.20 -7.59 -4.23
CF PLM E . -4.15 -6.82 -2.90
CG PLM E . -3.47 -5.45 -3.00
C1 PLM F . -14.69 -0.28 -20.21
O1 PLM F . -14.71 0.25 -21.36
O2 PLM F . -15.44 -1.15 -19.74
C2 PLM F . -13.56 0.25 -19.28
C3 PLM F . -13.52 -0.37 -17.88
C4 PLM F . -12.42 0.21 -16.98
C5 PLM F . -12.43 -0.34 -15.56
C6 PLM F . -11.43 0.33 -14.62
C7 PLM F . -11.38 -0.32 -13.23
C8 PLM F . -10.38 0.33 -12.28
C9 PLM F . -10.56 -0.10 -10.83
CA PLM F . -9.43 0.34 -9.92
CB PLM F . -9.43 -0.34 -8.54
CC PLM F . -10.57 0.08 -7.62
CD PLM F . -10.23 -0.12 -6.14
CE PLM F . -11.43 -0.42 -5.26
CF PLM F . -11.76 -1.91 -5.16
CG PLM F . -12.32 -2.31 -3.80
#